data_6YW9
#
_entry.id   6YW9
#
_cell.length_a   80.271
_cell.length_b   98.283
_cell.length_c   138.775
_cell.angle_alpha   90.000
_cell.angle_beta   90.000
_cell.angle_gamma   90.000
#
_symmetry.space_group_name_H-M   'P 21 21 21'
#
loop_
_entity.id
_entity.type
_entity.pdbx_description
1 polymer PYRB
2 non-polymer 'N-(PHOSPHONACETYL)-L-ASPARTIC ACID'
3 non-polymer GLYCEROL
4 water water
#
_entity_poly.entity_id   1
_entity_poly.type   'polypeptide(L)'
_entity_poly.pdbx_seq_one_letter_code
;MGSSHHHHHHSSGLEVLFQGPHMFELSDVIEGKQFDREMLSAIFDVAREMEKIEKSSSQSEILKGYLMATLFYEPSTRTR
LSFESAMKRLGGEVLTTENAREASSAAKGETLEDTIRTVEGYSDIIVMRHFESGAARKAAATANIPVINAGDGPGEHPTQ
ALLDVYTIQSEIGKLDGISVALVGDLANGRTVRSLAYLLAKFKDVKIYFVSPEIVKMKDDIKDYLTSSGVEWEESSDLME
VASKCDVVYQTRIQRERFGERLDLYEAARGKFIVDKDLLGVMQKKAIIMHPLPRLDEITADVDADPRAAYFRQAKNGLFI
RMALLKLLLVGW
;
_entity_poly.pdbx_strand_id   A,B,C
#
loop_
_chem_comp.id
_chem_comp.type
_chem_comp.name
_chem_comp.formula
GOL non-polymer GLYCEROL 'C3 H8 O3'
PAL non-polymer 'N-(PHOSPHONACETYL)-L-ASPARTIC ACID' 'C6 H10 N O8 P'
#
# COMPACT_ATOMS: atom_id res chain seq x y z
N PHE A 18 32.75 -13.46 20.23
CA PHE A 18 31.33 -13.72 20.29
C PHE A 18 30.65 -12.96 21.42
N GLN A 19 30.69 -11.62 21.38
CA GLN A 19 30.18 -10.82 22.49
C GLN A 19 28.81 -10.22 22.21
N GLY A 20 28.27 -10.42 21.03
CA GLY A 20 26.95 -9.97 20.70
C GLY A 20 26.95 -8.59 20.07
N PRO A 21 25.76 -8.05 19.85
CA PRO A 21 25.66 -6.71 19.27
C PRO A 21 26.17 -5.68 20.26
N HIS A 22 26.52 -4.53 19.72
CA HIS A 22 26.76 -3.34 20.55
C HIS A 22 25.66 -2.35 20.21
N MET A 23 24.78 -2.11 21.18
CA MET A 23 23.56 -1.38 20.90
CA MET A 23 23.56 -1.38 20.90
C MET A 23 23.85 0.09 20.63
N PHE A 24 23.07 0.65 19.72
CA PHE A 24 23.05 2.08 19.48
C PHE A 24 22.56 2.77 20.73
N GLU A 25 23.13 3.94 21.00
CA GLU A 25 22.88 4.66 22.24
C GLU A 25 21.51 5.30 22.28
N LEU A 26 20.81 5.41 21.16
CA LEU A 26 19.41 5.85 21.16
C LEU A 26 18.48 4.65 21.02
N SER A 27 17.36 4.69 21.73
N SER A 27 17.37 4.70 21.74
CA SER A 27 16.37 3.65 21.58
CA SER A 27 16.34 3.68 21.64
C SER A 27 15.29 4.01 20.57
C SER A 27 15.28 4.02 20.59
N ASP A 28 15.20 5.30 20.22
CA ASP A 28 14.21 5.80 19.28
C ASP A 28 14.83 7.03 18.62
N VAL A 29 14.34 7.43 17.45
CA VAL A 29 14.83 8.66 16.82
C VAL A 29 13.63 9.58 16.68
N ILE A 30 13.52 10.52 17.63
CA ILE A 30 12.32 11.32 17.82
C ILE A 30 12.59 12.81 17.69
N GLU A 31 13.69 13.31 18.25
CA GLU A 31 13.95 14.74 18.37
C GLU A 31 15.40 15.04 18.01
N GLY A 32 15.64 16.17 17.34
CA GLY A 32 17.00 16.51 16.98
C GLY A 32 17.94 16.62 18.18
N LYS A 33 17.44 17.07 19.33
CA LYS A 33 18.31 17.26 20.48
C LYS A 33 18.90 15.93 20.99
N GLN A 34 18.37 14.80 20.55
CA GLN A 34 18.90 13.52 21.00
C GLN A 34 20.32 13.28 20.52
N PHE A 35 20.74 13.92 19.45
CA PHE A 35 22.02 13.63 18.84
C PHE A 35 23.11 14.50 19.45
N ASP A 36 24.29 13.93 19.56
CA ASP A 36 25.46 14.72 19.93
C ASP A 36 26.44 14.69 18.75
N ARG A 37 27.43 15.56 18.84
CA ARG A 37 28.36 15.76 17.74
C ARG A 37 29.09 14.47 17.38
N GLU A 38 29.59 13.73 18.37
CA GLU A 38 30.37 12.54 18.04
C GLU A 38 29.48 11.46 17.43
N MET A 39 28.24 11.35 17.91
CA MET A 39 27.32 10.38 17.31
C MET A 39 27.01 10.74 15.87
N LEU A 40 26.83 12.03 15.57
CA LEU A 40 26.57 12.44 14.20
C LEU A 40 27.73 12.06 13.29
N SER A 41 28.97 12.34 13.72
CA SER A 41 30.11 11.97 12.89
C SER A 41 30.16 10.47 12.63
N ALA A 42 29.83 9.67 13.66
CA ALA A 42 29.87 8.23 13.51
C ALA A 42 28.75 7.73 12.60
N ILE A 43 27.57 8.32 12.72
CA ILE A 43 26.47 7.96 11.82
C ILE A 43 26.85 8.27 10.36
N PHE A 44 27.50 9.42 10.13
CA PHE A 44 27.88 9.76 8.77
C PHE A 44 28.85 8.74 8.21
N ASP A 45 29.78 8.24 9.04
CA ASP A 45 30.65 7.16 8.59
C ASP A 45 29.85 5.93 8.18
N VAL A 46 28.82 5.59 8.96
CA VAL A 46 28.00 4.43 8.62
C VAL A 46 27.27 4.68 7.30
N ALA A 47 26.74 5.89 7.11
CA ALA A 47 26.06 6.21 5.86
C ALA A 47 26.99 6.05 4.66
N ARG A 48 28.27 6.44 4.79
CA ARG A 48 29.21 6.21 3.70
C ARG A 48 29.40 4.72 3.42
N GLU A 49 29.40 3.88 4.46
CA GLU A 49 29.47 2.45 4.24
C GLU A 49 28.20 1.94 3.54
N MET A 50 27.05 2.52 3.90
CA MET A 50 25.81 2.12 3.27
CA MET A 50 25.81 2.12 3.27
C MET A 50 25.80 2.49 1.79
N GLU A 51 26.42 3.60 1.43
N GLU A 51 26.39 3.63 1.43
CA GLU A 51 26.52 3.97 0.01
CA GLU A 51 26.57 3.98 0.03
C GLU A 51 27.28 2.91 -0.78
C GLU A 51 27.21 2.82 -0.72
N LYS A 52 28.32 2.31 -0.18
CA LYS A 52 29.01 1.21 -0.85
C LYS A 52 28.11 -0.02 -0.97
N ILE A 53 27.30 -0.31 0.06
CA ILE A 53 26.39 -1.45 0.00
C ILE A 53 25.30 -1.22 -1.06
N GLU A 54 24.68 -0.03 -1.05
CA GLU A 54 23.59 0.26 -1.97
C GLU A 54 24.05 0.17 -3.42
N LYS A 55 25.30 0.53 -3.69
CA LYS A 55 25.83 0.51 -5.04
C LYS A 55 26.27 -0.88 -5.47
N SER A 56 26.46 -1.81 -4.53
CA SER A 56 26.98 -3.12 -4.84
C SER A 56 25.96 -3.99 -5.57
N SER A 57 26.48 -4.88 -6.42
CA SER A 57 25.66 -5.85 -7.14
C SER A 57 25.23 -7.02 -6.26
N SER A 58 25.68 -7.05 -5.01
CA SER A 58 25.35 -8.09 -4.06
C SER A 58 24.20 -7.61 -3.18
N GLN A 59 23.25 -8.50 -2.92
CA GLN A 59 22.11 -8.17 -2.05
C GLN A 59 22.54 -8.36 -0.60
N SER A 60 22.48 -7.28 0.18
CA SER A 60 22.83 -7.36 1.59
C SER A 60 21.75 -8.10 2.37
N GLU A 61 22.20 -8.79 3.42
CA GLU A 61 21.32 -9.55 4.30
CA GLU A 61 21.30 -9.54 4.29
C GLU A 61 21.43 -9.07 5.75
N ILE A 62 22.01 -7.88 5.95
CA ILE A 62 22.21 -7.31 7.29
C ILE A 62 20.92 -7.36 8.12
N LEU A 63 19.79 -7.00 7.52
CA LEU A 63 18.51 -6.94 8.21
C LEU A 63 17.57 -8.08 7.79
N LYS A 64 18.11 -9.15 7.22
CA LYS A 64 17.29 -10.33 6.96
C LYS A 64 16.55 -10.75 8.22
N GLY A 65 15.24 -10.99 8.07
CA GLY A 65 14.40 -11.43 9.18
C GLY A 65 13.75 -10.32 10.00
N TYR A 66 14.11 -9.07 9.76
CA TYR A 66 13.50 -7.96 10.47
C TYR A 66 12.39 -7.36 9.63
N LEU A 67 11.37 -6.83 10.31
CA LEU A 67 10.22 -6.22 9.68
C LEU A 67 10.05 -4.80 10.19
N MET A 68 9.87 -3.87 9.25
CA MET A 68 9.54 -2.47 9.55
C MET A 68 8.07 -2.24 9.22
N ALA A 69 7.35 -1.62 10.15
CA ALA A 69 5.98 -1.15 9.90
C ALA A 69 6.03 0.35 9.64
N THR A 70 5.45 0.78 8.53
CA THR A 70 5.33 2.21 8.25
C THR A 70 3.90 2.63 8.57
N LEU A 71 3.73 3.78 9.21
CA LEU A 71 2.42 4.32 9.52
C LEU A 71 2.40 5.78 9.05
N PHE A 72 1.79 6.04 7.89
CA PHE A 72 1.81 7.40 7.34
C PHE A 72 0.42 7.99 7.43
N TYR A 73 0.27 8.99 8.31
CA TYR A 73 -0.97 9.70 8.51
C TYR A 73 -1.00 11.04 7.78
N GLU A 74 0.06 11.37 7.06
CA GLU A 74 0.19 12.51 6.18
C GLU A 74 0.88 12.04 4.92
N PRO A 75 0.71 12.76 3.82
CA PRO A 75 1.35 12.37 2.57
C PRO A 75 2.87 12.39 2.65
N SER A 76 3.48 11.53 1.85
CA SER A 76 4.94 11.46 1.75
C SER A 76 5.34 10.76 0.47
N THR A 77 6.40 11.24 -0.17
CA THR A 77 7.10 10.50 -1.21
C THR A 77 8.49 10.07 -0.75
N ARG A 78 9.36 11.04 -0.44
CA ARG A 78 10.74 10.74 -0.08
C ARG A 78 10.86 9.96 1.22
N THR A 79 10.24 10.47 2.29
CA THR A 79 10.48 9.84 3.59
C THR A 79 9.95 8.43 3.60
N ARG A 80 8.73 8.23 3.09
CA ARG A 80 8.14 6.89 3.08
C ARG A 80 8.93 5.94 2.18
N LEU A 81 9.22 6.36 0.93
CA LEU A 81 9.88 5.43 0.00
C LEU A 81 11.35 5.22 0.35
N SER A 82 12.04 6.23 0.87
CA SER A 82 13.45 6.04 1.22
C SER A 82 13.58 5.07 2.40
N PHE A 83 12.65 5.11 3.35
CA PHE A 83 12.75 4.14 4.45
C PHE A 83 12.45 2.72 3.96
N GLU A 84 11.47 2.58 3.06
CA GLU A 84 11.14 1.27 2.55
CA GLU A 84 11.14 1.27 2.55
C GLU A 84 12.26 0.72 1.68
N SER A 85 12.81 1.56 0.80
CA SER A 85 13.94 1.15 -0.02
C SER A 85 15.16 0.80 0.84
N ALA A 86 15.46 1.62 1.84
CA ALA A 86 16.58 1.33 2.73
C ALA A 86 16.41 -0.05 3.37
N MET A 87 15.23 -0.32 3.92
CA MET A 87 14.99 -1.60 4.58
C MET A 87 15.20 -2.76 3.63
N LYS A 88 14.66 -2.65 2.41
CA LYS A 88 14.78 -3.74 1.45
C LYS A 88 16.20 -3.87 0.91
N ARG A 89 16.93 -2.77 0.76
CA ARG A 89 18.31 -2.89 0.29
CA ARG A 89 18.31 -2.89 0.29
CA ARG A 89 18.30 -2.88 0.30
C ARG A 89 19.19 -3.58 1.32
N LEU A 90 18.79 -3.58 2.60
CA LEU A 90 19.52 -4.29 3.65
C LEU A 90 18.95 -5.70 3.88
N GLY A 91 17.98 -6.12 3.09
CA GLY A 91 17.46 -7.46 3.20
C GLY A 91 16.28 -7.63 4.15
N GLY A 92 15.75 -6.55 4.71
CA GLY A 92 14.59 -6.63 5.57
C GLY A 92 13.29 -6.56 4.80
N GLU A 93 12.19 -6.64 5.52
CA GLU A 93 10.88 -6.52 4.88
CA GLU A 93 10.88 -6.52 4.88
C GLU A 93 10.08 -5.40 5.52
N VAL A 94 9.00 -5.03 4.83
CA VAL A 94 8.18 -3.87 5.20
C VAL A 94 6.71 -4.22 5.17
N LEU A 95 6.02 -3.77 6.20
CA LEU A 95 4.56 -3.83 6.32
C LEU A 95 4.05 -2.40 6.20
N THR A 96 3.43 -2.07 5.07
CA THR A 96 3.11 -0.68 4.78
CA THR A 96 3.11 -0.68 4.78
C THR A 96 1.70 -0.32 5.22
N THR A 97 1.55 0.90 5.70
CA THR A 97 0.25 1.56 5.79
C THR A 97 0.46 2.94 5.16
N GLU A 98 0.08 3.09 3.88
CA GLU A 98 0.40 4.32 3.14
C GLU A 98 -0.57 5.44 3.48
N ASN A 99 -1.80 5.11 3.88
CA ASN A 99 -2.74 6.14 4.33
C ASN A 99 -3.47 5.64 5.58
N ALA A 100 -2.86 5.92 6.72
CA ALA A 100 -3.39 5.40 7.98
C ALA A 100 -4.72 6.03 8.34
N ARG A 101 -4.96 7.27 7.91
CA ARG A 101 -6.18 7.92 8.33
C ARG A 101 -7.41 7.28 7.70
N GLU A 102 -7.29 6.77 6.46
CA GLU A 102 -8.41 6.20 5.73
CA GLU A 102 -8.43 6.21 5.74
C GLU A 102 -8.46 4.69 5.75
N ALA A 103 -7.31 4.02 5.79
CA ALA A 103 -7.28 2.58 5.55
C ALA A 103 -6.96 1.76 6.78
N SER A 104 -6.45 2.37 7.85
CA SER A 104 -6.24 1.68 9.11
C SER A 104 -7.45 1.84 10.03
N SER A 105 -7.44 1.10 11.12
CA SER A 105 -8.52 1.25 12.09
C SER A 105 -8.46 2.56 12.87
N ALA A 106 -7.49 3.44 12.58
CA ALA A 106 -7.64 4.82 12.99
C ALA A 106 -8.97 5.38 12.46
N ALA A 107 -9.41 4.91 11.30
CA ALA A 107 -10.66 5.37 10.72
C ALA A 107 -11.87 4.97 11.55
N LYS A 108 -11.74 3.95 12.38
CA LYS A 108 -12.79 3.58 13.30
C LYS A 108 -12.72 4.36 14.61
N GLY A 109 -11.71 5.21 14.77
CA GLY A 109 -11.53 6.00 15.98
C GLY A 109 -10.39 5.58 16.89
N GLU A 110 -9.57 4.62 16.48
CA GLU A 110 -8.55 4.13 17.37
C GLU A 110 -7.50 5.18 17.69
N THR A 111 -7.09 5.23 18.95
CA THR A 111 -6.03 6.14 19.37
C THR A 111 -4.68 5.74 18.81
N LEU A 112 -3.78 6.71 18.74
CA LEU A 112 -2.41 6.44 18.35
C LEU A 112 -1.77 5.40 19.27
N GLU A 113 -1.96 5.56 20.57
CA GLU A 113 -1.30 4.66 21.51
C GLU A 113 -1.75 3.20 21.31
N ASP A 114 -3.04 2.98 21.12
CA ASP A 114 -3.51 1.63 20.86
C ASP A 114 -2.97 1.11 19.54
N THR A 115 -2.91 1.98 18.52
CA THR A 115 -2.35 1.58 17.23
C THR A 115 -0.89 1.11 17.38
N ILE A 116 -0.06 1.93 18.05
CA ILE A 116 1.35 1.58 18.23
C ILE A 116 1.48 0.28 19.02
N ARG A 117 0.74 0.15 20.13
CA ARG A 117 0.83 -1.06 20.93
C ARG A 117 0.48 -2.29 20.11
N THR A 118 -0.51 -2.18 19.22
CA THR A 118 -0.89 -3.33 18.40
C THR A 118 0.12 -3.60 17.28
N VAL A 119 0.58 -2.55 16.61
CA VAL A 119 1.45 -2.75 15.46
C VAL A 119 2.80 -3.32 15.87
N GLU A 120 3.26 -3.03 17.09
CA GLU A 120 4.53 -3.60 17.51
C GLU A 120 4.46 -5.12 17.64
N GLY A 121 3.27 -5.70 17.75
CA GLY A 121 3.18 -7.15 17.76
C GLY A 121 3.53 -7.82 16.45
N TYR A 122 3.60 -7.06 15.36
CA TYR A 122 3.83 -7.59 14.03
C TYR A 122 5.16 -7.18 13.45
N SER A 123 5.92 -6.34 14.17
CA SER A 123 7.06 -5.68 13.56
C SER A 123 8.16 -5.48 14.59
N ASP A 124 9.33 -5.06 14.08
CA ASP A 124 10.53 -4.85 14.88
C ASP A 124 10.92 -3.39 15.01
N ILE A 125 10.34 -2.53 14.17
CA ILE A 125 10.62 -1.10 14.17
C ILE A 125 9.43 -0.43 13.51
N ILE A 126 9.10 0.77 13.97
CA ILE A 126 7.96 1.52 13.46
C ILE A 126 8.48 2.87 12.97
N VAL A 127 8.13 3.21 11.74
CA VAL A 127 8.37 4.53 11.14
C VAL A 127 7.02 5.20 11.01
N MET A 128 6.83 6.34 11.69
CA MET A 128 5.52 6.97 11.70
C MET A 128 5.58 8.46 11.38
N ARG A 129 4.77 8.88 10.41
CA ARG A 129 4.49 10.30 10.16
C ARG A 129 3.08 10.59 10.65
N HIS A 130 2.93 11.60 11.49
CA HIS A 130 1.63 11.90 12.08
C HIS A 130 1.32 13.37 11.85
N PHE A 131 0.04 13.72 11.97
CA PHE A 131 -0.39 15.09 11.79
C PHE A 131 -0.31 15.95 13.05
N GLU A 132 -0.09 15.36 14.23
CA GLU A 132 -0.02 16.14 15.47
C GLU A 132 1.39 16.21 16.04
N SER A 133 1.83 17.40 16.41
CA SER A 133 3.12 17.53 17.07
CA SER A 133 3.11 17.54 17.08
C SER A 133 3.07 16.77 18.39
N GLY A 134 4.17 16.13 18.72
CA GLY A 134 4.23 15.31 19.92
C GLY A 134 3.81 13.87 19.74
N ALA A 135 3.21 13.51 18.60
CA ALA A 135 2.74 12.14 18.41
C ALA A 135 3.87 11.13 18.49
N ALA A 136 5.05 11.48 17.94
CA ALA A 136 6.12 10.49 17.92
C ALA A 136 6.66 10.23 19.32
N ARG A 137 6.76 11.27 20.14
CA ARG A 137 7.15 11.12 21.53
C ARG A 137 6.21 10.16 22.25
N LYS A 138 4.90 10.35 22.05
CA LYS A 138 3.91 9.47 22.67
C LYS A 138 4.06 8.05 22.16
N ALA A 139 4.30 7.89 20.86
CA ALA A 139 4.46 6.54 20.31
C ALA A 139 5.68 5.84 20.91
N ALA A 140 6.80 6.56 21.04
CA ALA A 140 7.99 5.94 21.62
C ALA A 140 7.74 5.53 23.07
N ALA A 141 6.99 6.33 23.80
CA ALA A 141 6.71 5.99 25.20
C ALA A 141 5.87 4.73 25.29
N THR A 142 4.96 4.54 24.35
CA THR A 142 4.10 3.36 24.32
C THR A 142 4.82 2.11 23.87
N ALA A 143 5.64 2.23 22.85
CA ALA A 143 6.24 1.08 22.22
C ALA A 143 7.44 0.54 22.99
N ASN A 144 7.64 -0.78 22.90
CA ASN A 144 8.84 -1.43 23.40
C ASN A 144 9.78 -1.83 22.28
N ILE A 145 9.56 -1.33 21.07
CA ILE A 145 10.47 -1.47 19.94
C ILE A 145 10.80 -0.06 19.48
N PRO A 146 11.85 0.10 18.68
CA PRO A 146 12.25 1.46 18.29
C PRO A 146 11.22 2.10 17.40
N VAL A 147 10.99 3.39 17.65
CA VAL A 147 10.12 4.23 16.83
C VAL A 147 10.99 5.31 16.20
N ILE A 148 10.74 5.57 14.90
CA ILE A 148 11.38 6.69 14.20
C ILE A 148 10.29 7.68 13.83
N ASN A 149 10.52 8.93 14.20
CA ASN A 149 9.66 10.06 13.84
C ASN A 149 9.96 10.48 12.41
N ALA A 150 9.04 10.18 11.50
CA ALA A 150 9.09 10.63 10.12
C ALA A 150 8.41 11.99 9.90
N GLY A 151 8.09 12.68 10.98
CA GLY A 151 7.44 13.97 10.96
C GLY A 151 6.21 13.95 11.84
N ASP A 152 6.16 14.83 12.84
CA ASP A 152 4.99 14.90 13.73
C ASP A 152 4.37 16.28 13.61
N GLY A 153 3.37 16.42 12.76
CA GLY A 153 2.76 17.71 12.49
C GLY A 153 3.83 18.71 12.13
N PRO A 154 3.65 19.98 12.53
CA PRO A 154 4.72 20.98 12.30
C PRO A 154 5.83 20.97 13.35
N GLY A 155 6.01 19.84 14.04
CA GLY A 155 6.98 19.77 15.14
C GLY A 155 8.41 19.54 14.70
N GLU A 156 8.77 18.28 14.49
CA GLU A 156 10.12 17.91 14.13
C GLU A 156 10.14 16.86 13.03
N HIS A 157 11.33 16.66 12.49
CA HIS A 157 11.63 15.78 11.35
C HIS A 157 13.10 15.41 11.50
N PRO A 158 13.44 14.59 12.50
CA PRO A 158 14.85 14.42 12.86
C PRO A 158 15.69 13.72 11.79
N THR A 159 15.11 12.79 11.03
CA THR A 159 15.92 12.12 10.01
C THR A 159 16.12 13.00 8.79
N GLN A 160 15.21 13.93 8.51
CA GLN A 160 15.52 14.96 7.53
C GLN A 160 16.73 15.78 7.97
N ALA A 161 16.73 16.19 9.25
CA ALA A 161 17.84 16.99 9.76
C ALA A 161 19.15 16.21 9.68
N LEU A 162 19.11 14.90 9.98
CA LEU A 162 20.31 14.08 9.89
CA LEU A 162 20.31 14.08 9.89
C LEU A 162 20.83 14.02 8.45
N LEU A 163 19.95 13.78 7.49
CA LEU A 163 20.42 13.68 6.12
C LEU A 163 20.84 15.06 5.62
N ASP A 164 20.24 16.11 6.17
CA ASP A 164 20.62 17.45 5.79
C ASP A 164 22.06 17.76 6.23
N VAL A 165 22.39 17.48 7.50
CA VAL A 165 23.74 17.76 7.97
C VAL A 165 24.74 16.86 7.25
N TYR A 166 24.36 15.60 6.99
CA TYR A 166 25.24 14.75 6.20
C TYR A 166 25.53 15.34 4.83
N THR A 167 24.48 15.87 4.18
CA THR A 167 24.64 16.50 2.88
C THR A 167 25.56 17.70 2.95
N ILE A 168 25.40 18.53 3.99
CA ILE A 168 26.27 19.70 4.09
C ILE A 168 27.72 19.25 4.21
N GLN A 169 27.99 18.30 5.12
CA GLN A 169 29.35 17.80 5.27
C GLN A 169 29.88 17.24 3.95
N SER A 170 29.04 16.49 3.24
CA SER A 170 29.45 15.87 1.99
CA SER A 170 29.47 15.87 2.00
C SER A 170 29.74 16.90 0.91
N GLU A 171 28.97 18.00 0.86
CA GLU A 171 29.10 18.97 -0.22
C GLU A 171 30.10 20.09 0.08
N ILE A 172 30.14 20.58 1.32
CA ILE A 172 30.89 21.75 1.77
C ILE A 172 32.22 21.28 2.36
N GLY A 173 32.23 20.07 2.92
CA GLY A 173 33.42 19.53 3.55
C GLY A 173 33.56 19.82 5.03
N LYS A 174 32.62 20.55 5.63
CA LYS A 174 32.72 20.92 7.03
C LYS A 174 31.37 21.38 7.54
N LEU A 175 31.26 21.45 8.86
CA LEU A 175 30.08 21.99 9.53
C LEU A 175 30.51 23.09 10.50
N ASP A 176 31.68 22.95 11.13
CA ASP A 176 32.12 24.02 12.03
C ASP A 176 32.35 25.30 11.23
N GLY A 177 31.90 26.42 11.78
CA GLY A 177 32.23 27.71 11.22
C GLY A 177 31.40 28.17 10.05
N ILE A 178 30.43 27.39 9.59
CA ILE A 178 29.72 27.74 8.37
C ILE A 178 28.58 28.72 8.67
N SER A 179 28.08 29.34 7.61
CA SER A 179 26.91 30.21 7.67
C SER A 179 25.79 29.57 6.86
N VAL A 180 24.62 29.47 7.47
CA VAL A 180 23.48 28.76 6.88
C VAL A 180 22.29 29.71 6.90
N ALA A 181 21.64 29.87 5.75
CA ALA A 181 20.39 30.63 5.66
C ALA A 181 19.25 29.63 5.67
N LEU A 182 18.32 29.79 6.61
CA LEU A 182 17.08 29.02 6.63
C LEU A 182 15.97 29.93 6.09
N VAL A 183 15.39 29.57 4.98
CA VAL A 183 14.55 30.47 4.20
C VAL A 183 13.17 29.86 4.04
N GLY A 184 12.14 30.68 4.16
CA GLY A 184 10.80 30.27 3.78
C GLY A 184 9.80 30.23 4.93
N ASP A 185 9.12 29.10 5.09
CA ASP A 185 8.17 28.95 6.19
C ASP A 185 8.92 28.32 7.36
N LEU A 186 9.43 29.16 8.25
CA LEU A 186 10.17 28.66 9.39
C LEU A 186 9.26 28.27 10.54
N ALA A 187 8.14 28.99 10.69
CA ALA A 187 7.23 28.76 11.79
C ALA A 187 6.74 27.32 11.81
N ASN A 188 6.35 26.82 10.65
CA ASN A 188 5.76 25.50 10.47
C ASN A 188 6.75 24.47 9.96
N GLY A 189 8.00 24.86 9.73
CA GLY A 189 8.93 23.95 9.10
C GLY A 189 9.55 22.96 10.07
N ARG A 190 8.96 21.76 10.16
CA ARG A 190 9.54 20.75 11.04
C ARG A 190 10.94 20.39 10.61
N THR A 191 11.27 20.61 9.34
CA THR A 191 12.62 20.39 8.83
C THR A 191 13.62 21.38 9.43
N VAL A 192 13.34 22.68 9.29
CA VAL A 192 14.31 23.66 9.78
C VAL A 192 14.34 23.67 11.30
N ARG A 193 13.23 23.33 11.95
CA ARG A 193 13.25 23.22 13.41
C ARG A 193 14.23 22.14 13.87
N SER A 194 14.15 20.93 13.31
CA SER A 194 15.11 19.90 13.71
C SER A 194 16.52 20.23 13.26
N LEU A 195 16.66 20.82 12.07
CA LEU A 195 17.99 21.19 11.58
C LEU A 195 18.67 22.16 12.53
N ALA A 196 17.92 23.15 13.04
CA ALA A 196 18.50 24.08 14.00
C ALA A 196 19.08 23.36 15.21
N TYR A 197 18.39 22.32 15.71
CA TYR A 197 18.92 21.61 16.87
C TYR A 197 20.24 20.93 16.55
N LEU A 198 20.38 20.35 15.35
CA LEU A 198 21.62 19.68 15.02
C LEU A 198 22.73 20.67 14.72
N LEU A 199 22.41 21.81 14.09
CA LEU A 199 23.49 22.75 13.76
C LEU A 199 24.13 23.29 15.03
N ALA A 200 23.36 23.40 16.10
CA ALA A 200 23.82 23.89 17.40
C ALA A 200 24.85 22.97 18.04
N LYS A 201 25.02 21.75 17.54
CA LYS A 201 26.01 20.83 18.09
CA LYS A 201 26.01 20.83 18.09
C LYS A 201 27.42 21.08 17.54
N PHE A 202 27.57 21.92 16.53
CA PHE A 202 28.86 22.25 15.96
C PHE A 202 29.27 23.64 16.44
N LYS A 203 30.49 24.04 16.11
CA LYS A 203 31.04 25.26 16.70
C LYS A 203 31.00 26.41 15.69
N ASP A 204 30.58 27.57 16.17
CA ASP A 204 30.65 28.82 15.41
C ASP A 204 29.80 28.74 14.13
N VAL A 205 28.67 28.06 14.19
CA VAL A 205 27.74 28.10 13.07
C VAL A 205 26.90 29.37 13.19
N LYS A 206 26.80 30.14 12.12
CA LYS A 206 25.92 31.29 12.11
C LYS A 206 24.69 30.97 11.28
N ILE A 207 23.51 31.29 11.81
CA ILE A 207 22.24 30.96 11.16
C ILE A 207 21.51 32.25 10.84
N TYR A 208 21.06 32.39 9.60
CA TYR A 208 20.20 33.48 9.19
C TYR A 208 18.78 32.96 9.00
N PHE A 209 17.80 33.68 9.53
CA PHE A 209 16.40 33.39 9.29
C PHE A 209 15.85 34.39 8.29
N VAL A 210 15.32 33.89 7.16
CA VAL A 210 14.77 34.75 6.12
C VAL A 210 13.35 34.27 5.84
N SER A 211 12.35 35.05 6.25
CA SER A 211 10.99 34.58 6.05
C SER A 211 10.05 35.78 5.98
N PRO A 212 8.85 35.58 5.44
CA PRO A 212 7.76 36.51 5.77
C PRO A 212 7.52 36.55 7.27
N GLU A 213 7.11 37.72 7.76
CA GLU A 213 6.89 37.87 9.19
C GLU A 213 5.93 36.82 9.73
N ILE A 214 4.90 36.50 8.95
CA ILE A 214 3.85 35.63 9.49
C ILE A 214 4.36 34.21 9.75
N VAL A 215 5.47 33.80 9.12
CA VAL A 215 6.00 32.47 9.35
C VAL A 215 7.44 32.54 9.81
N LYS A 216 7.77 33.54 10.63
CA LYS A 216 9.10 33.59 11.24
C LYS A 216 9.32 32.38 12.16
N MET A 217 10.59 32.12 12.46
CA MET A 217 10.95 31.01 13.35
C MET A 217 10.36 31.21 14.75
N LYS A 218 9.84 30.14 15.31
CA LYS A 218 9.18 30.25 16.61
C LYS A 218 10.19 30.44 17.74
N ASP A 219 9.67 30.97 18.85
CA ASP A 219 10.55 31.32 19.95
C ASP A 219 11.21 30.10 20.59
N ASP A 220 10.58 28.92 20.55
CA ASP A 220 11.24 27.79 21.19
C ASP A 220 12.58 27.49 20.54
N ILE A 221 12.67 27.64 19.21
CA ILE A 221 13.92 27.39 18.53
C ILE A 221 14.90 28.53 18.82
N LYS A 222 14.43 29.77 18.75
CA LYS A 222 15.30 30.90 19.01
C LYS A 222 15.90 30.84 20.41
N ASP A 223 15.08 30.51 21.41
CA ASP A 223 15.57 30.43 22.79
C ASP A 223 16.58 29.30 22.95
N TYR A 224 16.32 28.16 22.30
CA TYR A 224 17.30 27.07 22.33
C TYR A 224 18.63 27.49 21.73
N LEU A 225 18.61 28.18 20.59
CA LEU A 225 19.86 28.58 19.96
C LEU A 225 20.59 29.61 20.83
N THR A 226 19.86 30.57 21.39
CA THR A 226 20.52 31.57 22.24
C THR A 226 21.13 30.91 23.47
N SER A 227 20.41 29.96 24.07
CA SER A 227 20.94 29.25 25.23
C SER A 227 22.17 28.42 24.88
N SER A 228 22.28 27.96 23.64
CA SER A 228 23.39 27.14 23.17
C SER A 228 24.55 27.96 22.64
N GLY A 229 24.43 29.29 22.64
CA GLY A 229 25.51 30.13 22.16
C GLY A 229 25.62 30.24 20.66
N VAL A 230 24.55 29.90 19.93
CA VAL A 230 24.55 29.93 18.46
C VAL A 230 24.11 31.31 18.01
N GLU A 231 24.92 31.95 17.16
CA GLU A 231 24.59 33.27 16.66
C GLU A 231 23.51 33.13 15.59
N TRP A 232 22.40 33.83 15.75
CA TRP A 232 21.34 33.84 14.73
C TRP A 232 20.88 35.27 14.47
N GLU A 233 20.38 35.50 13.26
CA GLU A 233 19.95 36.81 12.82
C GLU A 233 18.78 36.67 11.85
N GLU A 234 17.77 37.54 12.03
CA GLU A 234 16.67 37.64 11.08
C GLU A 234 16.98 38.71 10.05
N SER A 235 16.69 38.40 8.79
CA SER A 235 16.84 39.38 7.72
C SER A 235 15.76 39.18 6.67
N SER A 236 15.38 40.27 6.00
CA SER A 236 14.46 40.23 4.88
CA SER A 236 14.46 40.23 4.88
C SER A 236 15.18 40.42 3.55
N ASP A 237 16.51 40.38 3.55
CA ASP A 237 17.28 40.68 2.34
C ASP A 237 17.99 39.41 1.88
N LEU A 238 17.29 38.62 1.08
CA LEU A 238 17.82 37.30 0.71
C LEU A 238 19.06 37.41 -0.18
N MET A 239 19.11 38.39 -1.07
CA MET A 239 20.29 38.51 -1.93
C MET A 239 21.52 38.82 -1.09
N GLU A 240 21.39 39.67 -0.08
CA GLU A 240 22.52 39.98 0.80
C GLU A 240 22.92 38.75 1.62
N VAL A 241 21.95 38.08 2.25
CA VAL A 241 22.24 36.90 3.05
C VAL A 241 22.89 35.82 2.20
N ALA A 242 22.30 35.53 1.03
CA ALA A 242 22.80 34.44 0.20
C ALA A 242 24.25 34.69 -0.23
N SER A 243 24.62 35.95 -0.42
CA SER A 243 25.99 36.23 -0.86
C SER A 243 27.04 35.89 0.19
N LYS A 244 26.66 35.68 1.45
CA LYS A 244 27.64 35.40 2.49
C LYS A 244 27.34 34.11 3.25
N CYS A 245 26.64 33.18 2.61
CA CYS A 245 26.29 31.90 3.21
C CYS A 245 26.93 30.75 2.44
N ASP A 246 27.29 29.70 3.19
CA ASP A 246 27.73 28.44 2.60
C ASP A 246 26.56 27.61 2.13
N VAL A 247 25.41 27.76 2.78
CA VAL A 247 24.23 26.93 2.51
C VAL A 247 23.01 27.86 2.53
N VAL A 248 22.21 27.78 1.48
CA VAL A 248 20.90 28.42 1.42
C VAL A 248 19.90 27.28 1.40
N TYR A 249 19.14 27.14 2.49
CA TYR A 249 18.23 26.03 2.73
C TYR A 249 16.83 26.62 2.58
N GLN A 250 16.21 26.33 1.44
CA GLN A 250 14.89 26.84 1.07
C GLN A 250 13.83 25.85 1.50
N THR A 251 12.63 26.36 1.75
CA THR A 251 11.53 25.51 2.16
C THR A 251 10.26 25.87 1.40
N ARG A 252 9.32 24.93 1.45
CA ARG A 252 7.96 25.11 0.95
C ARG A 252 7.12 25.83 1.99
N ILE A 253 6.29 26.77 1.52
CA ILE A 253 5.31 27.38 2.43
C ILE A 253 4.27 26.31 2.76
N GLN A 254 4.04 26.03 4.07
CA GLN A 254 3.37 24.78 4.48
C GLN A 254 1.86 24.97 4.43
N ARG A 255 1.31 24.84 3.21
CA ARG A 255 -0.08 25.16 2.93
C ARG A 255 -1.03 24.47 3.89
N GLU A 256 -0.78 23.20 4.16
CA GLU A 256 -1.70 22.44 4.98
C GLU A 256 -1.79 22.98 6.40
N ARG A 257 -0.75 23.67 6.89
CA ARG A 257 -0.79 24.22 8.25
C ARG A 257 -1.55 25.52 8.30
N PHE A 258 -1.78 26.15 7.15
CA PHE A 258 -2.62 27.34 7.10
C PHE A 258 -4.11 27.00 7.14
N GLY A 259 -4.46 25.75 6.88
CA GLY A 259 -5.86 25.35 6.89
C GLY A 259 -6.70 26.23 5.98
N GLU A 260 -7.77 26.79 6.57
CA GLU A 260 -8.70 27.61 5.82
C GLU A 260 -8.19 29.01 5.52
N ARG A 261 -7.05 29.42 6.10
CA ARG A 261 -6.57 30.80 6.02
C ARG A 261 -5.72 30.98 4.77
N LEU A 262 -6.37 30.72 3.64
CA LEU A 262 -5.69 30.70 2.35
C LEU A 262 -5.24 32.08 1.92
N ASP A 263 -5.90 33.13 2.43
CA ASP A 263 -5.45 34.48 2.10
C ASP A 263 -4.12 34.76 2.76
N LEU A 264 -3.90 34.27 3.97
CA LEU A 264 -2.60 34.43 4.61
C LEU A 264 -1.55 33.59 3.87
N TYR A 265 -1.95 32.38 3.45
CA TYR A 265 -1.04 31.52 2.70
C TYR A 265 -0.56 32.21 1.44
N GLU A 266 -1.50 32.71 0.65
CA GLU A 266 -1.13 33.33 -0.63
C GLU A 266 -0.25 34.54 -0.42
N ALA A 267 -0.50 35.30 0.64
CA ALA A 267 0.29 36.50 0.86
C ALA A 267 1.71 36.17 1.33
N ALA A 268 1.94 34.98 1.87
CA ALA A 268 3.29 34.56 2.28
C ALA A 268 4.13 34.03 1.12
N ARG A 269 3.54 33.81 -0.03
CA ARG A 269 4.23 33.27 -1.19
C ARG A 269 4.84 34.37 -2.06
N GLY A 270 5.85 33.98 -2.86
CA GLY A 270 6.38 34.86 -3.89
C GLY A 270 7.33 35.92 -3.39
N LYS A 271 7.67 35.91 -2.11
CA LYS A 271 8.52 36.94 -1.53
C LYS A 271 9.98 36.55 -1.48
N PHE A 272 10.28 35.24 -1.40
CA PHE A 272 11.66 34.78 -1.24
C PHE A 272 11.85 33.59 -2.16
N ILE A 273 12.42 33.86 -3.33
CA ILE A 273 12.55 32.89 -4.40
C ILE A 273 14.03 32.64 -4.66
N VAL A 274 14.40 31.36 -4.79
CA VAL A 274 15.73 31.02 -5.28
C VAL A 274 15.67 30.91 -6.79
N ASP A 275 16.37 31.83 -7.48
CA ASP A 275 16.35 31.88 -8.94
C ASP A 275 17.77 32.14 -9.43
N LYS A 276 17.89 32.25 -10.75
CA LYS A 276 19.21 32.45 -11.37
C LYS A 276 19.92 33.68 -10.84
N ASP A 277 19.17 34.76 -10.61
CA ASP A 277 19.80 35.94 -10.01
C ASP A 277 20.40 35.65 -8.64
N LEU A 278 19.69 34.88 -7.79
CA LEU A 278 20.24 34.58 -6.48
C LEU A 278 21.54 33.77 -6.62
N LEU A 279 21.54 32.79 -7.52
CA LEU A 279 22.75 31.99 -7.68
C LEU A 279 23.93 32.87 -8.10
N GLY A 280 23.66 33.91 -8.85
CA GLY A 280 24.68 34.81 -9.35
C GLY A 280 25.40 35.58 -8.28
N VAL A 281 24.80 35.78 -7.12
CA VAL A 281 25.49 36.44 -6.01
C VAL A 281 26.09 35.46 -5.01
N MET A 282 25.87 34.17 -5.19
CA MET A 282 26.40 33.23 -4.23
C MET A 282 27.83 32.84 -4.58
N GLN A 283 28.54 32.36 -3.57
CA GLN A 283 29.90 31.84 -3.69
C GLN A 283 29.95 30.57 -4.52
N LYS A 284 31.12 30.34 -5.11
CA LYS A 284 31.31 29.20 -5.98
C LYS A 284 31.05 27.87 -5.28
N LYS A 285 31.45 27.77 -4.03
CA LYS A 285 31.39 26.53 -3.27
C LYS A 285 30.12 26.43 -2.40
N ALA A 286 29.20 27.39 -2.49
CA ALA A 286 27.98 27.32 -1.68
C ALA A 286 26.94 26.42 -2.37
N ILE A 287 25.92 26.03 -1.62
CA ILE A 287 24.90 25.13 -2.16
C ILE A 287 23.50 25.61 -1.84
N ILE A 288 22.55 25.17 -2.67
CA ILE A 288 21.13 25.32 -2.42
C ILE A 288 20.61 23.97 -1.96
N MET A 289 19.86 23.95 -0.85
CA MET A 289 19.21 22.76 -0.34
C MET A 289 17.72 23.05 -0.20
N HIS A 290 16.91 21.97 -0.14
CA HIS A 290 15.47 22.04 -0.01
C HIS A 290 15.01 20.62 0.33
N PRO A 291 14.26 20.42 1.40
CA PRO A 291 13.86 19.04 1.77
C PRO A 291 12.86 18.44 0.82
N LEU A 292 12.20 19.28 -0.01
CA LEU A 292 11.22 18.92 -1.04
C LEU A 292 9.91 18.47 -0.43
N PRO A 293 8.81 18.57 -1.18
CA PRO A 293 8.71 19.10 -2.55
C PRO A 293 8.80 20.61 -2.58
N ARG A 294 9.24 21.15 -3.70
CA ARG A 294 9.15 22.58 -3.94
C ARG A 294 7.95 22.83 -4.85
N LEU A 295 7.40 24.06 -4.76
CA LEU A 295 6.45 24.52 -5.77
C LEU A 295 7.16 25.57 -6.58
N ASP A 296 6.92 26.85 -6.39
CA ASP A 296 7.50 27.93 -7.17
C ASP A 296 8.80 28.47 -6.58
N GLU A 297 9.15 28.10 -5.34
CA GLU A 297 10.16 28.85 -4.60
C GLU A 297 11.61 28.51 -4.98
N ILE A 298 11.83 27.51 -5.82
CA ILE A 298 13.10 27.35 -6.53
C ILE A 298 12.75 27.23 -8.00
N THR A 299 13.24 28.15 -8.82
CA THR A 299 12.87 28.07 -10.23
C THR A 299 13.59 26.92 -10.93
N ALA A 300 13.01 26.49 -12.05
CA ALA A 300 13.55 25.36 -12.80
C ALA A 300 14.96 25.62 -13.31
N ASP A 301 15.28 26.89 -13.62
CA ASP A 301 16.62 27.26 -14.07
C ASP A 301 17.72 26.81 -13.11
N VAL A 302 17.41 26.83 -11.82
CA VAL A 302 18.42 26.57 -10.81
C VAL A 302 18.90 25.13 -10.89
N ASP A 303 18.03 24.22 -11.35
CA ASP A 303 18.35 22.80 -11.31
C ASP A 303 19.65 22.48 -12.04
N ALA A 304 19.97 23.25 -13.08
CA ALA A 304 21.14 23.02 -13.91
C ALA A 304 22.45 23.46 -13.25
N ASP A 305 22.39 24.28 -12.22
CA ASP A 305 23.60 24.75 -11.56
C ASP A 305 24.18 23.63 -10.71
N PRO A 306 25.51 23.41 -10.76
CA PRO A 306 26.10 22.37 -9.90
C PRO A 306 25.84 22.57 -8.43
N ARG A 307 25.56 23.80 -8.00
CA ARG A 307 25.32 24.09 -6.59
C ARG A 307 23.93 23.70 -6.13
N ALA A 308 23.04 23.36 -7.04
CA ALA A 308 21.68 22.90 -6.72
C ALA A 308 21.78 21.47 -6.18
N ALA A 309 21.68 21.32 -4.85
CA ALA A 309 22.02 20.09 -4.18
C ALA A 309 20.80 19.29 -3.72
N TYR A 310 19.59 19.77 -3.96
CA TYR A 310 18.41 19.15 -3.35
C TYR A 310 18.10 17.76 -3.90
N PHE A 311 18.52 17.41 -5.12
CA PHE A 311 18.29 16.01 -5.50
C PHE A 311 19.39 15.09 -4.96
N ARG A 312 20.63 15.57 -4.85
CA ARG A 312 21.64 14.78 -4.14
C ARG A 312 21.26 14.60 -2.67
N GLN A 313 20.72 15.66 -2.07
CA GLN A 313 20.22 15.61 -0.69
C GLN A 313 19.21 14.49 -0.53
N ALA A 314 18.21 14.46 -1.41
CA ALA A 314 17.17 13.44 -1.31
C ALA A 314 17.77 12.04 -1.48
N LYS A 315 18.72 11.88 -2.40
CA LYS A 315 19.37 10.58 -2.54
C LYS A 315 20.13 10.18 -1.27
N ASN A 316 20.79 11.13 -0.63
CA ASN A 316 21.54 10.86 0.58
C ASN A 316 20.64 10.35 1.70
N GLY A 317 19.35 10.69 1.67
CA GLY A 317 18.43 10.18 2.65
C GLY A 317 18.37 8.66 2.64
N LEU A 318 18.54 8.05 1.47
CA LEU A 318 18.58 6.59 1.41
C LEU A 318 19.71 6.04 2.29
N PHE A 319 20.91 6.59 2.14
CA PHE A 319 22.07 6.08 2.87
C PHE A 319 21.95 6.34 4.36
N ILE A 320 21.47 7.53 4.73
CA ILE A 320 21.29 7.88 6.13
C ILE A 320 20.23 6.99 6.78
N ARG A 321 19.13 6.71 6.06
CA ARG A 321 18.10 5.87 6.63
C ARG A 321 18.54 4.42 6.67
N MET A 322 19.30 3.94 5.68
CA MET A 322 19.89 2.61 5.84
C MET A 322 20.71 2.56 7.14
N ALA A 323 21.53 3.58 7.37
CA ALA A 323 22.36 3.63 8.57
C ALA A 323 21.52 3.58 9.84
N LEU A 324 20.44 4.34 9.89
CA LEU A 324 19.63 4.36 11.10
C LEU A 324 18.92 3.05 11.35
N LEU A 325 18.37 2.44 10.29
CA LEU A 325 17.72 1.14 10.47
C LEU A 325 18.71 0.11 10.97
N LYS A 326 19.89 0.07 10.35
CA LYS A 326 20.91 -0.87 10.80
C LYS A 326 21.26 -0.62 12.27
N LEU A 327 21.50 0.64 12.64
CA LEU A 327 21.94 0.89 14.01
C LEU A 327 20.86 0.57 15.03
N LEU A 328 19.60 0.88 14.72
CA LEU A 328 18.54 0.68 15.70
C LEU A 328 18.19 -0.79 15.84
N LEU A 329 18.41 -1.60 14.81
CA LEU A 329 18.01 -2.99 14.85
C LEU A 329 19.14 -3.95 15.20
N VAL A 330 20.34 -3.73 14.68
CA VAL A 330 21.46 -4.65 14.93
C VAL A 330 22.66 -3.98 15.57
N GLY A 331 22.64 -2.67 15.74
CA GLY A 331 23.72 -1.99 16.45
C GLY A 331 24.88 -1.62 15.58
N TRP A 332 25.94 -1.17 16.26
CA TRP A 332 27.15 -0.71 15.60
C TRP A 332 27.88 -1.87 15.00
N HIS B 22 22.78 -8.95 -23.74
CA HIS B 22 22.60 -7.93 -24.77
C HIS B 22 21.40 -7.05 -24.37
N MET B 23 21.53 -5.74 -24.43
CA MET B 23 20.49 -4.89 -23.90
C MET B 23 19.29 -4.86 -24.83
N PHE B 24 18.12 -4.69 -24.23
CA PHE B 24 16.87 -4.47 -24.95
C PHE B 24 16.90 -3.12 -25.66
N GLU B 25 16.38 -3.10 -26.89
CA GLU B 25 16.47 -1.90 -27.74
C GLU B 25 15.65 -0.72 -27.22
N LEU B 26 14.65 -0.95 -26.38
CA LEU B 26 13.91 0.14 -25.76
C LEU B 26 14.44 0.49 -24.37
N SER B 27 14.48 1.77 -24.06
N SER B 27 14.51 1.79 -24.09
CA SER B 27 14.87 2.20 -22.72
CA SER B 27 14.88 2.29 -22.77
C SER B 27 13.68 2.52 -21.84
C SER B 27 13.68 2.48 -21.86
N ASP B 28 12.49 2.64 -22.45
CA ASP B 28 11.25 2.94 -21.75
C ASP B 28 10.14 2.29 -22.59
N VAL B 29 9.00 1.98 -21.95
CA VAL B 29 7.85 1.43 -22.67
C VAL B 29 6.70 2.41 -22.48
N ILE B 30 6.51 3.27 -23.48
CA ILE B 30 5.63 4.43 -23.37
C ILE B 30 4.50 4.42 -24.40
N GLU B 31 4.81 4.11 -25.67
CA GLU B 31 3.86 4.25 -26.76
C GLU B 31 3.92 3.02 -27.67
N GLY B 32 2.76 2.64 -28.21
CA GLY B 32 2.71 1.50 -29.11
C GLY B 32 3.62 1.62 -30.31
N LYS B 33 3.84 2.85 -30.80
CA LYS B 33 4.66 3.02 -32.00
C LYS B 33 6.11 2.61 -31.78
N GLN B 34 6.54 2.46 -30.52
CA GLN B 34 7.93 2.10 -30.26
C GLN B 34 8.26 0.70 -30.70
N PHE B 35 7.25 -0.15 -30.83
CA PHE B 35 7.48 -1.56 -31.15
C PHE B 35 7.54 -1.79 -32.65
N ASP B 36 8.26 -2.83 -33.04
CA ASP B 36 8.24 -3.32 -34.41
C ASP B 36 7.86 -4.80 -34.36
N ARG B 37 7.54 -5.33 -35.53
CA ARG B 37 7.01 -6.70 -35.60
C ARG B 37 8.00 -7.72 -35.05
N GLU B 38 9.28 -7.61 -35.43
CA GLU B 38 10.28 -8.56 -34.94
C GLU B 38 10.40 -8.51 -33.41
N MET B 39 10.37 -7.30 -32.85
CA MET B 39 10.47 -7.13 -31.41
C MET B 39 9.26 -7.74 -30.71
N LEU B 40 8.05 -7.51 -31.26
CA LEU B 40 6.85 -8.09 -30.69
C LEU B 40 6.95 -9.60 -30.67
N SER B 41 7.36 -10.20 -31.79
CA SER B 41 7.49 -11.65 -31.86
C SER B 41 8.45 -12.16 -30.80
N ALA B 42 9.56 -11.46 -30.61
CA ALA B 42 10.56 -11.90 -29.65
C ALA B 42 10.06 -11.75 -28.21
N ILE B 43 9.36 -10.65 -27.93
CA ILE B 43 8.77 -10.50 -26.60
C ILE B 43 7.77 -11.61 -26.30
N PHE B 44 6.93 -11.93 -27.29
CA PHE B 44 5.99 -13.03 -27.09
C PHE B 44 6.73 -14.33 -26.82
N ASP B 45 7.84 -14.56 -27.52
CA ASP B 45 8.63 -15.77 -27.27
C ASP B 45 9.10 -15.82 -25.82
N VAL B 46 9.57 -14.67 -25.30
CA VAL B 46 10.02 -14.60 -23.91
C VAL B 46 8.85 -14.80 -22.94
N ALA B 47 7.70 -14.24 -23.26
CA ALA B 47 6.52 -14.43 -22.41
C ALA B 47 6.18 -15.90 -22.26
N ARG B 48 6.31 -16.68 -23.35
CA ARG B 48 6.06 -18.11 -23.26
C ARG B 48 7.05 -18.80 -22.33
N GLU B 49 8.31 -18.37 -22.35
N GLU B 49 8.29 -18.35 -22.31
CA GLU B 49 9.26 -18.90 -21.38
CA GLU B 49 9.26 -18.90 -21.34
C GLU B 49 8.88 -18.48 -19.97
C GLU B 49 8.93 -18.45 -19.93
N MET B 50 8.37 -17.25 -19.80
CA MET B 50 7.99 -16.81 -18.47
CA MET B 50 8.00 -16.81 -18.46
C MET B 50 6.85 -17.65 -17.91
N GLU B 51 5.95 -18.09 -18.78
CA GLU B 51 4.87 -18.97 -18.35
C GLU B 51 5.42 -20.25 -17.74
N LYS B 52 6.54 -20.75 -18.25
CA LYS B 52 7.14 -21.94 -17.63
C LYS B 52 7.74 -21.61 -16.27
N ILE B 53 8.38 -20.45 -16.16
CA ILE B 53 8.92 -20.03 -14.86
C ILE B 53 7.81 -19.87 -13.85
N GLU B 54 6.71 -19.21 -14.26
CA GLU B 54 5.62 -18.94 -13.33
C GLU B 54 5.00 -20.22 -12.83
N LYS B 55 4.93 -21.23 -13.69
CA LYS B 55 4.38 -22.53 -13.30
C LYS B 55 5.31 -23.28 -12.35
N SER B 56 6.62 -23.04 -12.45
CA SER B 56 7.59 -23.92 -11.83
C SER B 56 7.56 -23.84 -10.31
N SER B 57 8.10 -24.92 -9.71
CA SER B 57 8.19 -25.09 -8.27
C SER B 57 9.29 -24.24 -7.64
N SER B 58 10.24 -23.79 -8.43
CA SER B 58 11.41 -23.08 -7.95
C SER B 58 11.17 -21.58 -8.10
N GLN B 59 11.56 -20.82 -7.09
CA GLN B 59 11.38 -19.38 -7.10
C GLN B 59 12.54 -18.76 -7.89
N SER B 60 12.21 -17.99 -8.91
CA SER B 60 13.22 -17.43 -9.79
C SER B 60 13.94 -16.27 -9.11
N GLU B 61 15.20 -16.07 -9.50
CA GLU B 61 16.05 -15.02 -8.95
CA GLU B 61 16.07 -15.02 -8.95
C GLU B 61 16.62 -14.11 -10.05
N ILE B 62 16.02 -14.16 -11.25
CA ILE B 62 16.49 -13.35 -12.37
C ILE B 62 16.63 -11.88 -11.96
N LEU B 63 15.67 -11.37 -11.20
CA LEU B 63 15.67 -9.96 -10.82
C LEU B 63 15.95 -9.75 -9.34
N LYS B 64 16.60 -10.72 -8.68
CA LYS B 64 17.05 -10.49 -7.31
C LYS B 64 17.89 -9.22 -7.23
N GLY B 65 17.59 -8.40 -6.23
CA GLY B 65 18.31 -7.18 -6.01
C GLY B 65 17.76 -5.97 -6.72
N TYR B 66 16.80 -6.13 -7.62
CA TYR B 66 16.22 -5.00 -8.33
C TYR B 66 14.97 -4.54 -7.61
N LEU B 67 14.70 -3.23 -7.67
CA LEU B 67 13.53 -2.65 -7.05
C LEU B 67 12.66 -1.90 -8.04
N MET B 68 11.37 -2.22 -8.05
CA MET B 68 10.37 -1.50 -8.83
C MET B 68 9.64 -0.51 -7.94
N ALA B 69 9.44 0.71 -8.43
CA ALA B 69 8.54 1.65 -7.76
C ALA B 69 7.28 1.77 -8.61
N THR B 70 6.12 1.59 -7.99
CA THR B 70 4.85 1.83 -8.67
C THR B 70 4.28 3.16 -8.22
N LEU B 71 3.69 3.89 -9.16
CA LEU B 71 3.12 5.20 -8.89
C LEU B 71 1.77 5.23 -9.62
N PHE B 72 0.70 4.98 -8.87
CA PHE B 72 -0.64 4.92 -9.44
C PHE B 72 -1.43 6.17 -9.04
N TYR B 73 -1.65 7.04 -10.01
CA TYR B 73 -2.45 8.23 -9.82
C TYR B 73 -3.90 8.04 -10.27
N GLU B 74 -4.25 6.88 -10.81
CA GLU B 74 -5.62 6.46 -11.09
C GLU B 74 -5.79 5.06 -10.55
N PRO B 75 -7.03 4.61 -10.35
CA PRO B 75 -7.23 3.25 -9.82
C PRO B 75 -6.79 2.18 -10.80
N SER B 76 -6.46 1.02 -10.23
CA SER B 76 -6.03 -0.14 -10.98
C SER B 76 -6.13 -1.40 -10.13
N THR B 77 -6.57 -2.50 -10.77
CA THR B 77 -6.42 -3.83 -10.20
C THR B 77 -5.43 -4.69 -10.98
N ARG B 78 -5.70 -4.91 -12.27
CA ARG B 78 -4.86 -5.79 -13.07
C ARG B 78 -3.49 -5.18 -13.32
N THR B 79 -3.43 -3.91 -13.75
CA THR B 79 -2.12 -3.43 -14.20
C THR B 79 -1.17 -3.29 -13.02
N ARG B 80 -1.65 -2.77 -11.89
CA ARG B 80 -0.82 -2.62 -10.70
C ARG B 80 -0.41 -3.98 -10.14
N LEU B 81 -1.38 -4.89 -9.93
CA LEU B 81 -1.05 -6.16 -9.29
C LEU B 81 -0.27 -7.09 -10.22
N SER B 82 -0.54 -7.06 -11.54
CA SER B 82 0.23 -7.92 -12.44
C SER B 82 1.69 -7.46 -12.48
N PHE B 83 1.96 -6.15 -12.46
CA PHE B 83 3.36 -5.73 -12.48
C PHE B 83 4.06 -6.12 -11.17
N GLU B 84 3.37 -5.99 -10.04
CA GLU B 84 4.00 -6.32 -8.76
CA GLU B 84 3.99 -6.32 -8.76
C GLU B 84 4.23 -7.82 -8.65
N SER B 85 3.26 -8.61 -9.08
CA SER B 85 3.40 -10.06 -9.08
C SER B 85 4.53 -10.49 -10.02
N ALA B 86 4.59 -9.91 -11.20
CA ALA B 86 5.65 -10.27 -12.14
C ALA B 86 7.01 -10.01 -11.52
N MET B 87 7.19 -8.84 -10.90
CA MET B 87 8.47 -8.51 -10.31
C MET B 87 8.86 -9.50 -9.23
N LYS B 88 7.89 -9.86 -8.37
CA LYS B 88 8.17 -10.74 -7.26
C LYS B 88 8.37 -12.18 -7.71
N ARG B 89 7.65 -12.60 -8.76
CA ARG B 89 7.88 -13.93 -9.28
CA ARG B 89 7.88 -13.93 -9.28
C ARG B 89 9.26 -14.08 -9.89
N LEU B 90 9.88 -12.98 -10.30
CA LEU B 90 11.24 -12.99 -10.82
C LEU B 90 12.30 -12.72 -9.76
N GLY B 91 11.89 -12.56 -8.50
CA GLY B 91 12.82 -12.42 -7.41
C GLY B 91 13.12 -11.00 -7.01
N GLY B 92 12.48 -10.02 -7.65
CA GLY B 92 12.71 -8.64 -7.33
C GLY B 92 11.77 -8.17 -6.22
N GLU B 93 11.91 -6.90 -5.88
CA GLU B 93 11.05 -6.32 -4.87
CA GLU B 93 11.06 -6.32 -4.86
C GLU B 93 10.39 -5.05 -5.40
N VAL B 94 9.41 -4.58 -4.64
CA VAL B 94 8.51 -3.52 -5.07
C VAL B 94 8.27 -2.50 -3.96
N LEU B 95 8.35 -1.22 -4.33
CA LEU B 95 8.00 -0.08 -3.47
C LEU B 95 6.71 0.49 -4.02
N THR B 96 5.60 0.31 -3.31
CA THR B 96 4.30 0.65 -3.86
CA THR B 96 4.30 0.65 -3.85
C THR B 96 3.84 2.05 -3.44
N THR B 97 3.16 2.72 -4.37
CA THR B 97 2.33 3.89 -4.06
C THR B 97 0.99 3.60 -4.75
N GLU B 98 0.01 3.10 -4.00
CA GLU B 98 -1.25 2.67 -4.61
C GLU B 98 -2.20 3.83 -4.88
N ASN B 99 -2.05 4.95 -4.16
CA ASN B 99 -2.85 6.14 -4.44
C ASN B 99 -1.93 7.35 -4.33
N ALA B 100 -1.25 7.67 -5.43
CA ALA B 100 -0.27 8.76 -5.44
C ALA B 100 -0.95 10.12 -5.26
N ARG B 101 -2.19 10.27 -5.71
CA ARG B 101 -2.82 11.59 -5.60
CA ARG B 101 -2.82 11.58 -5.59
C ARG B 101 -3.04 11.98 -4.15
N GLU B 102 -3.36 11.03 -3.29
CA GLU B 102 -3.70 11.34 -1.90
CA GLU B 102 -3.69 11.35 -1.90
C GLU B 102 -2.57 11.06 -0.92
N ALA B 103 -1.74 10.04 -1.18
CA ALA B 103 -0.78 9.59 -0.20
C ALA B 103 0.66 9.94 -0.51
N SER B 104 0.97 10.38 -1.73
CA SER B 104 2.31 10.87 -2.05
C SER B 104 2.35 12.39 -1.92
N SER B 105 3.56 12.93 -2.01
CA SER B 105 3.68 14.38 -1.91
C SER B 105 3.22 15.11 -3.18
N ALA B 106 2.69 14.40 -4.17
CA ALA B 106 1.85 15.06 -5.16
C ALA B 106 0.72 15.82 -4.47
N ALA B 107 0.27 15.34 -3.32
CA ALA B 107 -0.80 16.01 -2.59
C ALA B 107 -0.35 17.37 -2.06
N LYS B 108 0.94 17.60 -1.94
CA LYS B 108 1.48 18.90 -1.54
C LYS B 108 1.69 19.83 -2.71
N GLY B 109 1.45 19.35 -3.94
CA GLY B 109 1.66 20.16 -5.11
C GLY B 109 2.87 19.77 -5.95
N GLU B 110 3.53 18.67 -5.63
CA GLU B 110 4.75 18.32 -6.35
C GLU B 110 4.45 17.95 -7.80
N THR B 111 5.30 18.42 -8.71
CA THR B 111 5.15 18.09 -10.12
C THR B 111 5.50 16.62 -10.35
N LEU B 112 4.99 16.11 -11.48
CA LEU B 112 5.37 14.76 -11.89
C LEU B 112 6.86 14.64 -12.11
N GLU B 113 7.48 15.65 -12.72
CA GLU B 113 8.89 15.53 -13.04
C GLU B 113 9.74 15.46 -11.77
N ASP B 114 9.43 16.28 -10.77
CA ASP B 114 10.18 16.19 -9.51
C ASP B 114 9.92 14.87 -8.80
N THR B 115 8.68 14.36 -8.87
CA THR B 115 8.38 13.06 -8.28
C THR B 115 9.26 11.98 -8.90
N ILE B 116 9.33 11.96 -10.23
CA ILE B 116 10.08 10.92 -10.92
C ILE B 116 11.58 11.04 -10.62
N ARG B 117 12.12 12.26 -10.65
N ARG B 117 12.11 12.26 -10.66
CA ARG B 117 13.54 12.42 -10.37
CA ARG B 117 13.52 12.46 -10.36
C ARG B 117 13.85 11.94 -8.96
C ARG B 117 13.85 11.96 -8.96
N THR B 118 12.95 12.19 -8.02
CA THR B 118 13.12 11.75 -6.64
C THR B 118 13.04 10.24 -6.51
N VAL B 119 12.02 9.65 -7.11
CA VAL B 119 11.73 8.22 -6.89
C VAL B 119 12.81 7.34 -7.53
N GLU B 120 13.42 7.79 -8.62
CA GLU B 120 14.49 6.99 -9.22
C GLU B 120 15.67 6.84 -8.28
N GLY B 121 15.79 7.70 -7.26
CA GLY B 121 16.88 7.51 -6.30
C GLY B 121 16.69 6.29 -5.41
N TYR B 122 15.49 5.72 -5.41
CA TYR B 122 15.17 4.61 -4.54
C TYR B 122 14.94 3.31 -5.29
N SER B 123 14.96 3.35 -6.62
CA SER B 123 14.43 2.25 -7.41
C SER B 123 15.22 2.10 -8.70
N ASP B 124 14.96 0.97 -9.41
CA ASP B 124 15.62 0.64 -10.66
C ASP B 124 14.70 0.73 -11.88
N ILE B 125 13.39 0.75 -11.65
CA ILE B 125 12.40 0.83 -12.72
C ILE B 125 11.15 1.41 -12.10
N ILE B 126 10.44 2.25 -12.87
CA ILE B 126 9.22 2.92 -12.44
C ILE B 126 8.06 2.50 -13.34
N VAL B 127 6.95 2.10 -12.71
CA VAL B 127 5.68 1.83 -13.39
C VAL B 127 4.71 2.90 -12.94
N MET B 128 4.19 3.69 -13.88
CA MET B 128 3.35 4.82 -13.53
C MET B 128 2.08 4.86 -14.36
N ARG B 129 0.95 4.97 -13.66
CA ARG B 129 -0.34 5.28 -14.27
C ARG B 129 -0.72 6.70 -13.86
N HIS B 130 -1.01 7.54 -14.83
CA HIS B 130 -1.29 8.96 -14.57
C HIS B 130 -2.63 9.33 -15.20
N PHE B 131 -3.20 10.47 -14.75
CA PHE B 131 -4.47 10.95 -15.25
C PHE B 131 -4.32 11.89 -16.45
N GLU B 132 -3.12 12.34 -16.79
CA GLU B 132 -2.91 13.25 -17.93
C GLU B 132 -2.23 12.54 -19.09
N SER B 133 -2.83 12.65 -20.27
CA SER B 133 -2.17 12.18 -21.48
CA SER B 133 -2.16 12.17 -21.48
C SER B 133 -0.84 12.90 -21.66
N GLY B 134 0.19 12.14 -22.03
CA GLY B 134 1.53 12.65 -22.19
C GLY B 134 2.41 12.56 -20.95
N ALA B 135 1.84 12.21 -19.80
CA ALA B 135 2.58 12.20 -18.56
C ALA B 135 3.72 11.18 -18.61
N ALA B 136 3.49 10.03 -19.25
CA ALA B 136 4.50 8.98 -19.24
C ALA B 136 5.72 9.38 -20.06
N ARG B 137 5.51 10.04 -21.20
CA ARG B 137 6.64 10.53 -21.99
C ARG B 137 7.44 11.56 -21.20
N LYS B 138 6.75 12.44 -20.47
CA LYS B 138 7.49 13.40 -19.64
C LYS B 138 8.28 12.70 -18.53
N ALA B 139 7.71 11.65 -17.95
CA ALA B 139 8.44 10.89 -16.94
C ALA B 139 9.69 10.23 -17.53
N ALA B 140 9.55 9.60 -18.70
CA ALA B 140 10.70 8.96 -19.32
C ALA B 140 11.78 9.97 -19.66
N ALA B 141 11.38 11.17 -20.06
CA ALA B 141 12.36 12.21 -20.37
C ALA B 141 13.13 12.66 -19.13
N THR B 142 12.48 12.67 -17.96
CA THR B 142 13.13 13.04 -16.70
C THR B 142 14.04 11.94 -16.17
N ALA B 143 13.60 10.71 -16.22
CA ALA B 143 14.25 9.60 -15.56
C ALA B 143 15.44 9.09 -16.33
N ASN B 144 16.44 8.61 -15.58
CA ASN B 144 17.58 7.91 -16.15
C ASN B 144 17.53 6.41 -15.84
N ILE B 145 16.38 5.94 -15.41
CA ILE B 145 16.07 4.51 -15.30
C ILE B 145 14.84 4.26 -16.16
N PRO B 146 14.57 3.02 -16.51
CA PRO B 146 13.40 2.74 -17.36
C PRO B 146 12.09 3.12 -16.70
N VAL B 147 11.20 3.69 -17.52
CA VAL B 147 9.83 4.00 -17.14
C VAL B 147 8.87 3.18 -17.99
N ILE B 148 7.85 2.59 -17.34
CA ILE B 148 6.78 1.91 -18.05
C ILE B 148 5.49 2.70 -17.85
N ASN B 149 4.85 3.05 -18.95
CA ASN B 149 3.54 3.70 -18.97
C ASN B 149 2.46 2.67 -18.68
N ALA B 150 1.84 2.74 -17.51
CA ALA B 150 0.72 1.89 -17.12
C ALA B 150 -0.64 2.51 -17.48
N GLY B 151 -0.65 3.55 -18.32
CA GLY B 151 -1.83 4.24 -18.77
C GLY B 151 -1.63 5.71 -18.48
N ASP B 152 -1.73 6.60 -19.50
CA ASP B 152 -1.55 8.03 -19.26
C ASP B 152 -2.83 8.75 -19.71
N GLY B 153 -3.73 9.01 -18.77
CA GLY B 153 -5.03 9.54 -19.10
C GLY B 153 -5.70 8.71 -20.17
N PRO B 154 -6.43 9.36 -21.07
CA PRO B 154 -7.04 8.65 -22.20
C PRO B 154 -6.10 8.48 -23.40
N GLY B 155 -4.80 8.54 -23.15
CA GLY B 155 -3.79 8.52 -24.18
C GLY B 155 -3.45 7.14 -24.67
N GLU B 156 -2.56 6.45 -23.93
CA GLU B 156 -2.09 5.13 -24.35
C GLU B 156 -1.93 4.20 -23.17
N HIS B 157 -1.74 2.92 -23.48
CA HIS B 157 -1.64 1.83 -22.52
C HIS B 157 -0.84 0.74 -23.22
N PRO B 158 0.47 0.93 -23.40
CA PRO B 158 1.20 0.06 -24.33
C PRO B 158 1.33 -1.37 -23.84
N THR B 159 1.39 -1.61 -22.52
CA THR B 159 1.52 -3.00 -22.08
C THR B 159 0.19 -3.73 -22.16
N GLN B 160 -0.94 -3.02 -22.04
CA GLN B 160 -2.22 -3.64 -22.38
C GLN B 160 -2.21 -4.09 -23.84
N ALA B 161 -1.76 -3.21 -24.74
CA ALA B 161 -1.74 -3.59 -26.16
C ALA B 161 -0.82 -4.79 -26.41
N LEU B 162 0.32 -4.82 -25.71
CA LEU B 162 1.24 -5.95 -25.85
CA LEU B 162 1.24 -5.95 -25.85
C LEU B 162 0.58 -7.25 -25.42
N LEU B 163 -0.05 -7.26 -24.25
CA LEU B 163 -0.68 -8.49 -23.82
C LEU B 163 -1.89 -8.82 -24.69
N ASP B 164 -2.57 -7.81 -25.22
CA ASP B 164 -3.70 -8.06 -26.12
C ASP B 164 -3.26 -8.77 -27.39
N VAL B 165 -2.19 -8.28 -28.04
CA VAL B 165 -1.71 -8.93 -29.27
C VAL B 165 -1.17 -10.34 -28.97
N TYR B 166 -0.46 -10.50 -27.83
CA TYR B 166 -0.04 -11.83 -27.40
C TYR B 166 -1.23 -12.77 -27.28
N THR B 167 -2.30 -12.28 -26.67
CA THR B 167 -3.49 -13.10 -26.48
C THR B 167 -4.11 -13.48 -27.80
N ILE B 168 -4.21 -12.54 -28.74
CA ILE B 168 -4.76 -12.88 -30.06
C ILE B 168 -3.91 -13.96 -30.72
N GLN B 169 -2.60 -13.78 -30.75
CA GLN B 169 -1.73 -14.81 -31.33
C GLN B 169 -1.93 -16.15 -30.64
N SER B 170 -2.05 -16.13 -29.32
CA SER B 170 -2.21 -17.38 -28.57
CA SER B 170 -2.22 -17.38 -28.56
C SER B 170 -3.55 -18.06 -28.87
N GLU B 171 -4.62 -17.28 -28.96
CA GLU B 171 -5.96 -17.82 -29.12
C GLU B 171 -6.35 -18.14 -30.57
N ILE B 172 -5.99 -17.24 -31.48
CA ILE B 172 -6.32 -17.34 -32.90
C ILE B 172 -5.25 -18.09 -33.68
N GLY B 173 -4.00 -18.07 -33.21
CA GLY B 173 -2.88 -18.72 -33.87
C GLY B 173 -2.19 -17.88 -34.92
N LYS B 174 -2.63 -16.65 -35.14
CA LYS B 174 -2.20 -15.85 -36.27
C LYS B 174 -2.51 -14.39 -35.95
N LEU B 175 -1.73 -13.50 -36.55
CA LEU B 175 -2.01 -12.07 -36.53
C LEU B 175 -2.22 -11.51 -37.93
N ASP B 176 -1.44 -11.96 -38.92
CA ASP B 176 -1.63 -11.49 -40.28
C ASP B 176 -2.99 -11.92 -40.81
N GLY B 177 -3.69 -11.00 -41.48
CA GLY B 177 -4.89 -11.35 -42.20
C GLY B 177 -6.16 -11.35 -41.39
N ILE B 178 -6.08 -11.06 -40.10
CA ILE B 178 -7.27 -11.22 -39.28
C ILE B 178 -8.14 -9.98 -39.34
N SER B 179 -9.38 -10.13 -38.86
CA SER B 179 -10.33 -9.04 -38.74
C SER B 179 -10.62 -8.83 -37.27
N VAL B 180 -10.51 -7.58 -36.80
CA VAL B 180 -10.65 -7.26 -35.39
C VAL B 180 -11.67 -6.15 -35.27
N ALA B 181 -12.68 -6.34 -34.43
CA ALA B 181 -13.64 -5.28 -34.13
C ALA B 181 -13.25 -4.63 -32.80
N LEU B 182 -13.09 -3.31 -32.81
CA LEU B 182 -12.88 -2.51 -31.61
C LEU B 182 -14.20 -1.83 -31.30
N VAL B 183 -14.77 -2.16 -30.15
CA VAL B 183 -16.15 -1.82 -29.80
C VAL B 183 -16.18 -1.00 -28.52
N GLY B 184 -17.03 0.03 -28.52
CA GLY B 184 -17.35 0.71 -27.28
C GLY B 184 -16.90 2.15 -27.23
N ASP B 185 -16.14 2.53 -26.21
CA ASP B 185 -15.64 3.90 -26.08
C ASP B 185 -14.24 3.91 -26.69
N LEU B 186 -14.20 4.25 -27.99
CA LEU B 186 -12.94 4.30 -28.71
C LEU B 186 -12.25 5.63 -28.54
N ALA B 187 -13.00 6.72 -28.44
CA ALA B 187 -12.43 8.05 -28.30
C ALA B 187 -11.49 8.13 -27.10
N ASN B 188 -11.93 7.61 -25.96
CA ASN B 188 -11.23 7.71 -24.70
C ASN B 188 -10.48 6.43 -24.37
N GLY B 189 -10.52 5.43 -25.23
CA GLY B 189 -9.93 4.17 -24.87
C GLY B 189 -8.44 4.10 -25.10
N ARG B 190 -7.67 4.33 -24.03
CA ARG B 190 -6.22 4.25 -24.19
C ARG B 190 -5.81 2.86 -24.63
N THR B 191 -6.63 1.84 -24.33
CA THR B 191 -6.35 0.47 -24.73
C THR B 191 -6.43 0.30 -26.25
N VAL B 192 -7.57 0.67 -26.83
CA VAL B 192 -7.75 0.46 -28.26
C VAL B 192 -6.85 1.36 -29.08
N ARG B 193 -6.49 2.53 -28.54
CA ARG B 193 -5.55 3.42 -29.22
C ARG B 193 -4.18 2.75 -29.36
N SER B 194 -3.62 2.24 -28.25
CA SER B 194 -2.36 1.52 -28.35
C SER B 194 -2.50 0.25 -29.18
N LEU B 195 -3.60 -0.48 -29.04
CA LEU B 195 -3.76 -1.73 -29.81
C LEU B 195 -3.73 -1.45 -31.31
N ALA B 196 -4.37 -0.37 -31.74
CA ALA B 196 -4.33 -0.01 -33.17
C ALA B 196 -2.91 0.18 -33.66
N TYR B 197 -2.05 0.80 -32.85
CA TYR B 197 -0.67 1.00 -33.27
C TYR B 197 0.02 -0.33 -33.48
N LEU B 198 -0.22 -1.32 -32.59
CA LEU B 198 0.47 -2.59 -32.74
C LEU B 198 -0.10 -3.40 -33.90
N LEU B 199 -1.43 -3.39 -34.08
CA LEU B 199 -2.02 -4.15 -35.17
C LEU B 199 -1.52 -3.67 -36.51
N ALA B 200 -1.15 -2.39 -36.60
CA ALA B 200 -0.63 -1.83 -37.83
C ALA B 200 0.69 -2.43 -38.24
N LYS B 201 1.38 -3.11 -37.33
CA LYS B 201 2.68 -3.70 -37.61
C LYS B 201 2.56 -5.05 -38.32
N PHE B 202 1.37 -5.60 -38.45
CA PHE B 202 1.18 -6.88 -39.11
C PHE B 202 0.55 -6.67 -40.48
N LYS B 203 0.40 -7.76 -41.22
CA LYS B 203 0.01 -7.69 -42.62
C LYS B 203 -1.48 -7.92 -42.74
N ASP B 204 -2.14 -7.01 -43.45
CA ASP B 204 -3.51 -7.22 -43.90
C ASP B 204 -4.50 -7.38 -42.77
N VAL B 205 -4.30 -6.70 -41.64
CA VAL B 205 -5.29 -6.69 -40.58
C VAL B 205 -6.40 -5.72 -40.95
N LYS B 206 -7.65 -6.17 -40.87
CA LYS B 206 -8.77 -5.27 -41.04
C LYS B 206 -9.34 -4.93 -39.68
N ILE B 207 -9.55 -3.63 -39.42
CA ILE B 207 -10.06 -3.16 -38.13
C ILE B 207 -11.43 -2.53 -38.33
N TYR B 208 -12.42 -3.00 -37.56
CA TYR B 208 -13.72 -2.38 -37.53
C TYR B 208 -13.85 -1.53 -36.28
N PHE B 209 -14.45 -0.35 -36.43
CA PHE B 209 -14.75 0.52 -35.30
C PHE B 209 -16.26 0.55 -35.11
N VAL B 210 -16.72 0.17 -33.92
CA VAL B 210 -18.14 0.12 -33.59
C VAL B 210 -18.34 0.89 -32.28
N SER B 211 -19.02 2.04 -32.36
CA SER B 211 -19.18 2.85 -31.17
C SER B 211 -20.38 3.76 -31.34
N PRO B 212 -20.93 4.27 -30.24
CA PRO B 212 -21.74 5.48 -30.34
C PRO B 212 -20.94 6.61 -30.97
N GLU B 213 -21.65 7.49 -31.69
CA GLU B 213 -20.97 8.56 -32.40
C GLU B 213 -20.14 9.44 -31.47
N ILE B 214 -20.64 9.70 -30.26
CA ILE B 214 -19.97 10.62 -29.36
C ILE B 214 -18.61 10.08 -28.88
N VAL B 215 -18.36 8.77 -28.99
CA VAL B 215 -17.07 8.24 -28.57
C VAL B 215 -16.41 7.45 -29.71
N LYS B 216 -16.56 7.94 -30.93
CA LYS B 216 -15.90 7.30 -32.06
C LYS B 216 -14.37 7.51 -31.97
N MET B 217 -13.65 6.64 -32.69
CA MET B 217 -12.19 6.71 -32.69
C MET B 217 -11.71 8.06 -33.18
N LYS B 218 -10.72 8.61 -32.48
CA LYS B 218 -10.20 9.93 -32.84
C LYS B 218 -9.41 9.91 -34.15
N ASP B 219 -9.31 11.10 -34.75
CA ASP B 219 -8.68 11.21 -36.06
C ASP B 219 -7.21 10.90 -36.03
N ASP B 220 -6.52 11.06 -34.87
CA ASP B 220 -5.09 10.76 -34.89
C ASP B 220 -4.84 9.29 -35.21
N ILE B 221 -5.67 8.40 -34.65
CA ILE B 221 -5.56 6.97 -34.93
C ILE B 221 -5.97 6.64 -36.36
N LYS B 222 -7.10 7.19 -36.80
CA LYS B 222 -7.56 6.96 -38.15
C LYS B 222 -6.51 7.36 -39.17
N ASP B 223 -5.94 8.55 -39.00
CA ASP B 223 -4.93 9.02 -39.96
C ASP B 223 -3.68 8.16 -39.93
N TYR B 224 -3.23 7.75 -38.74
CA TYR B 224 -2.09 6.85 -38.65
C TYR B 224 -2.36 5.55 -39.39
N LEU B 225 -3.54 4.97 -39.19
CA LEU B 225 -3.85 3.71 -39.84
C LEU B 225 -3.91 3.86 -41.36
N THR B 226 -4.61 4.91 -41.83
CA THR B 226 -4.71 5.16 -43.26
C THR B 226 -3.33 5.38 -43.88
N SER B 227 -2.47 6.16 -43.19
CA SER B 227 -1.14 6.42 -43.71
C SER B 227 -0.28 5.17 -43.74
N SER B 228 -0.55 4.24 -42.84
CA SER B 228 0.19 2.99 -42.74
C SER B 228 -0.41 1.88 -43.62
N GLY B 229 -1.46 2.16 -44.37
CA GLY B 229 -2.04 1.16 -45.25
C GLY B 229 -2.93 0.15 -44.57
N VAL B 230 -3.40 0.44 -43.36
CA VAL B 230 -4.23 -0.48 -42.59
C VAL B 230 -5.69 -0.16 -42.88
N GLU B 231 -6.44 -1.18 -43.32
CA GLU B 231 -7.84 -0.98 -43.64
C GLU B 231 -8.68 -0.87 -42.38
N TRP B 232 -9.50 0.16 -42.28
CA TRP B 232 -10.44 0.28 -41.18
C TRP B 232 -11.80 0.71 -41.69
N GLU B 233 -12.83 0.39 -40.92
CA GLU B 233 -14.21 0.62 -41.33
C GLU B 233 -15.07 0.86 -40.11
N GLU B 234 -15.83 1.95 -40.13
CA GLU B 234 -16.82 2.23 -39.09
C GLU B 234 -18.15 1.57 -39.41
N SER B 235 -18.76 0.98 -38.39
CA SER B 235 -20.07 0.35 -38.58
C SER B 235 -20.86 0.47 -37.29
N SER B 236 -22.19 0.58 -37.43
CA SER B 236 -23.09 0.58 -36.30
CA SER B 236 -23.09 0.58 -36.30
CA SER B 236 -23.09 0.58 -36.28
C SER B 236 -23.86 -0.73 -36.17
N ASP B 237 -23.51 -1.73 -36.96
CA ASP B 237 -24.21 -3.02 -36.99
C ASP B 237 -23.29 -4.08 -36.38
N LEU B 238 -23.32 -4.18 -35.05
CA LEU B 238 -22.41 -5.06 -34.35
C LEU B 238 -22.66 -6.52 -34.70
N MET B 239 -23.92 -6.91 -34.90
CA MET B 239 -24.16 -8.31 -35.26
C MET B 239 -23.49 -8.68 -36.57
N GLU B 240 -23.59 -7.80 -37.58
CA GLU B 240 -22.97 -8.09 -38.86
C GLU B 240 -21.44 -8.13 -38.71
N VAL B 241 -20.88 -7.11 -38.07
CA VAL B 241 -19.42 -7.05 -37.89
C VAL B 241 -18.93 -8.30 -37.15
N ALA B 242 -19.60 -8.65 -36.06
CA ALA B 242 -19.11 -9.75 -35.25
C ALA B 242 -19.14 -11.07 -35.99
N SER B 243 -20.08 -11.23 -36.93
CA SER B 243 -20.12 -12.48 -37.69
C SER B 243 -18.90 -12.63 -38.60
N LYS B 244 -18.18 -11.55 -38.85
CA LYS B 244 -17.07 -11.51 -39.80
C LYS B 244 -15.70 -11.41 -39.13
N CYS B 245 -15.62 -11.36 -37.81
CA CYS B 245 -14.39 -11.02 -37.13
C CYS B 245 -13.79 -12.21 -36.38
N ASP B 246 -12.45 -12.26 -36.38
CA ASP B 246 -11.74 -13.21 -35.52
C ASP B 246 -11.78 -12.77 -34.07
N VAL B 247 -11.79 -11.46 -33.82
CA VAL B 247 -11.69 -10.90 -32.48
C VAL B 247 -12.73 -9.80 -32.35
N VAL B 248 -13.55 -9.86 -31.31
CA VAL B 248 -14.42 -8.77 -30.90
C VAL B 248 -13.87 -8.27 -29.57
N TYR B 249 -13.31 -7.04 -29.59
CA TYR B 249 -12.65 -6.42 -28.45
C TYR B 249 -13.56 -5.34 -27.90
N GLN B 250 -14.23 -5.64 -26.79
CA GLN B 250 -15.19 -4.77 -26.14
C GLN B 250 -14.48 -3.91 -25.10
N THR B 251 -15.04 -2.72 -24.85
CA THR B 251 -14.47 -1.81 -23.88
C THR B 251 -15.54 -1.26 -22.97
N ARG B 252 -15.07 -0.73 -21.84
CA ARG B 252 -15.90 -0.01 -20.89
C ARG B 252 -16.07 1.44 -21.36
N ILE B 253 -17.28 1.97 -21.24
CA ILE B 253 -17.48 3.41 -21.46
C ILE B 253 -16.78 4.18 -20.35
N GLN B 254 -15.87 5.10 -20.72
CA GLN B 254 -14.88 5.62 -19.75
C GLN B 254 -15.47 6.78 -18.96
N ARG B 255 -16.24 6.42 -17.93
CA ARG B 255 -17.02 7.40 -17.17
CA ARG B 255 -17.03 7.40 -17.16
C ARG B 255 -16.17 8.54 -16.64
N GLU B 256 -14.96 8.24 -16.16
CA GLU B 256 -14.11 9.26 -15.57
C GLU B 256 -13.65 10.31 -16.58
N ARG B 257 -13.79 10.06 -17.87
CA ARG B 257 -13.40 11.06 -18.85
C ARG B 257 -14.54 12.00 -19.22
N PHE B 258 -15.75 11.72 -18.77
CA PHE B 258 -16.92 12.54 -19.12
C PHE B 258 -17.09 13.73 -18.17
N GLY B 259 -16.23 13.86 -17.18
CA GLY B 259 -16.33 14.99 -16.26
C GLY B 259 -17.66 14.96 -15.54
N GLU B 260 -18.34 16.10 -15.48
CA GLU B 260 -19.63 16.12 -14.83
C GLU B 260 -20.77 15.95 -15.83
N ARG B 261 -20.47 15.69 -17.10
CA ARG B 261 -21.50 15.43 -18.11
C ARG B 261 -21.93 13.95 -18.07
N LEU B 262 -22.45 13.55 -16.92
CA LEU B 262 -22.96 12.19 -16.77
C LEU B 262 -24.23 11.96 -17.59
N ASP B 263 -24.87 13.02 -18.10
CA ASP B 263 -25.98 12.82 -19.02
C ASP B 263 -25.48 12.21 -20.33
N LEU B 264 -24.37 12.70 -20.85
CA LEU B 264 -23.84 12.14 -22.09
C LEU B 264 -23.21 10.77 -21.85
N TYR B 265 -22.63 10.56 -20.67
CA TYR B 265 -22.11 9.23 -20.32
C TYR B 265 -23.23 8.19 -20.35
N GLU B 266 -24.33 8.44 -19.62
CA GLU B 266 -25.42 7.46 -19.62
C GLU B 266 -26.00 7.28 -21.02
N ALA B 267 -26.02 8.34 -21.82
CA ALA B 267 -26.58 8.23 -23.16
C ALA B 267 -25.74 7.32 -24.05
N ALA B 268 -24.43 7.23 -23.80
CA ALA B 268 -23.57 6.36 -24.60
C ALA B 268 -23.61 4.89 -24.18
N ARG B 269 -24.29 4.55 -23.09
CA ARG B 269 -24.38 3.18 -22.61
C ARG B 269 -25.55 2.44 -23.23
N GLY B 270 -25.47 1.10 -23.19
CA GLY B 270 -26.56 0.24 -23.59
C GLY B 270 -26.73 0.03 -25.08
N LYS B 271 -25.84 0.56 -25.91
CA LYS B 271 -26.05 0.50 -27.35
C LYS B 271 -25.34 -0.66 -28.03
N PHE B 272 -24.20 -1.11 -27.48
CA PHE B 272 -23.42 -2.18 -28.09
C PHE B 272 -23.01 -3.14 -26.99
N ILE B 273 -23.75 -4.24 -26.91
CA ILE B 273 -23.61 -5.21 -25.82
C ILE B 273 -23.16 -6.54 -26.40
N VAL B 274 -22.20 -7.17 -25.74
CA VAL B 274 -21.83 -8.55 -26.04
C VAL B 274 -22.68 -9.46 -25.17
N ASP B 275 -23.57 -10.23 -25.81
CA ASP B 275 -24.49 -11.11 -25.08
C ASP B 275 -24.57 -12.44 -25.83
N LYS B 276 -25.39 -13.37 -25.32
CA LYS B 276 -25.41 -14.69 -25.94
C LYS B 276 -25.90 -14.62 -27.39
N ASP B 277 -26.78 -13.67 -27.70
CA ASP B 277 -27.24 -13.51 -29.07
C ASP B 277 -26.10 -13.13 -30.01
N LEU B 278 -25.18 -12.27 -29.54
CA LEU B 278 -24.03 -11.92 -30.38
C LEU B 278 -23.12 -13.11 -30.57
N LEU B 279 -22.82 -13.84 -29.49
CA LEU B 279 -22.01 -15.03 -29.62
C LEU B 279 -22.63 -16.00 -30.62
N GLY B 280 -23.97 -16.02 -30.69
CA GLY B 280 -24.65 -16.93 -31.60
C GLY B 280 -24.38 -16.67 -33.07
N VAL B 281 -23.97 -15.47 -33.45
CA VAL B 281 -23.63 -15.21 -34.84
C VAL B 281 -22.15 -15.26 -35.11
N MET B 282 -21.33 -15.43 -34.08
CA MET B 282 -19.88 -15.42 -34.27
C MET B 282 -19.40 -16.79 -34.68
N GLN B 283 -18.25 -16.79 -35.37
CA GLN B 283 -17.62 -18.02 -35.80
C GLN B 283 -17.13 -18.83 -34.60
N LYS B 284 -16.97 -20.13 -34.82
CA LYS B 284 -16.59 -21.02 -33.73
C LYS B 284 -15.19 -20.69 -33.20
N LYS B 285 -14.31 -20.19 -34.06
CA LYS B 285 -12.93 -19.95 -33.70
C LYS B 285 -12.66 -18.50 -33.30
N ALA B 286 -13.68 -17.66 -33.22
CA ALA B 286 -13.49 -16.26 -32.85
C ALA B 286 -13.47 -16.12 -31.32
N ILE B 287 -13.04 -14.95 -30.83
CA ILE B 287 -12.96 -14.71 -29.41
C ILE B 287 -13.53 -13.34 -29.05
N ILE B 288 -13.95 -13.25 -27.78
CA ILE B 288 -14.30 -11.99 -27.13
C ILE B 288 -13.15 -11.58 -26.22
N MET B 289 -12.70 -10.33 -26.34
CA MET B 289 -11.68 -9.75 -25.48
C MET B 289 -12.25 -8.50 -24.81
N HIS B 290 -11.65 -8.12 -23.68
CA HIS B 290 -12.04 -6.93 -22.93
C HIS B 290 -10.87 -6.66 -21.98
N PRO B 291 -10.30 -5.46 -21.97
CA PRO B 291 -9.16 -5.22 -21.05
C PRO B 291 -9.56 -5.22 -19.59
N LEU B 292 -10.87 -5.04 -19.29
CA LEU B 292 -11.50 -5.01 -17.97
C LEU B 292 -11.16 -3.72 -17.21
N PRO B 293 -11.96 -3.34 -16.24
CA PRO B 293 -13.21 -4.04 -15.86
C PRO B 293 -14.35 -3.83 -16.82
N ARG B 294 -15.28 -4.78 -16.84
CA ARG B 294 -16.53 -4.59 -17.55
C ARG B 294 -17.63 -4.24 -16.55
N LEU B 295 -18.63 -3.50 -17.01
CA LEU B 295 -19.81 -3.25 -16.20
C LEU B 295 -20.92 -4.09 -16.85
N ASP B 296 -21.82 -3.49 -17.63
CA ASP B 296 -22.92 -4.19 -18.25
C ASP B 296 -22.62 -4.67 -19.66
N GLU B 297 -21.51 -4.25 -20.28
CA GLU B 297 -21.36 -4.37 -21.71
C GLU B 297 -20.93 -5.76 -22.18
N ILE B 298 -20.62 -6.67 -21.27
CA ILE B 298 -20.54 -8.09 -21.58
C ILE B 298 -21.40 -8.77 -20.53
N THR B 299 -22.44 -9.48 -20.98
CA THR B 299 -23.32 -10.11 -20.00
C THR B 299 -22.66 -11.33 -19.35
N ALA B 300 -23.12 -11.66 -18.13
CA ALA B 300 -22.51 -12.75 -17.38
C ALA B 300 -22.64 -14.09 -18.10
N ASP B 301 -23.71 -14.27 -18.88
CA ASP B 301 -23.88 -15.47 -19.69
C ASP B 301 -22.67 -15.78 -20.56
N VAL B 302 -22.02 -14.75 -21.09
CA VAL B 302 -20.95 -14.97 -22.05
C VAL B 302 -19.76 -15.69 -21.42
N ASP B 303 -19.56 -15.50 -20.11
CA ASP B 303 -18.35 -16.03 -19.46
C ASP B 303 -18.23 -17.55 -19.63
N ALA B 304 -19.35 -18.22 -19.74
CA ALA B 304 -19.35 -19.67 -19.89
C ALA B 304 -19.00 -20.15 -21.29
N ASP B 305 -18.95 -19.25 -22.28
CA ASP B 305 -18.58 -19.63 -23.62
C ASP B 305 -17.06 -19.75 -23.68
N PRO B 306 -16.52 -20.83 -24.24
CA PRO B 306 -15.06 -20.97 -24.34
C PRO B 306 -14.39 -19.84 -25.11
N ARG B 307 -15.16 -19.14 -25.96
CA ARG B 307 -14.62 -18.04 -26.73
C ARG B 307 -14.42 -16.78 -25.92
N ALA B 308 -14.93 -16.72 -24.69
CA ALA B 308 -14.77 -15.55 -23.83
C ALA B 308 -13.35 -15.58 -23.28
N ALA B 309 -12.49 -14.68 -23.80
CA ALA B 309 -11.06 -14.77 -23.55
C ALA B 309 -10.55 -13.73 -22.57
N TYR B 310 -11.43 -12.90 -21.99
CA TYR B 310 -10.93 -11.74 -21.23
C TYR B 310 -10.26 -12.14 -19.92
N PHE B 311 -10.61 -13.28 -19.31
CA PHE B 311 -9.88 -13.66 -18.11
C PHE B 311 -8.55 -14.33 -18.47
N ARG B 312 -8.50 -15.06 -19.60
CA ARG B 312 -7.21 -15.57 -20.07
C ARG B 312 -6.28 -14.42 -20.45
N GLN B 313 -6.84 -13.44 -21.13
CA GLN B 313 -6.17 -12.20 -21.48
C GLN B 313 -5.52 -11.57 -20.25
N ALA B 314 -6.29 -11.36 -19.19
CA ALA B 314 -5.70 -10.75 -18.01
C ALA B 314 -4.57 -11.62 -17.44
N LYS B 315 -4.75 -12.93 -17.42
CA LYS B 315 -3.68 -13.80 -16.93
C LYS B 315 -2.41 -13.66 -17.78
N ASN B 316 -2.57 -13.57 -19.09
CA ASN B 316 -1.43 -13.42 -19.98
C ASN B 316 -0.63 -12.17 -19.65
N GLY B 317 -1.28 -11.15 -19.09
CA GLY B 317 -0.56 -9.95 -18.74
C GLY B 317 0.54 -10.20 -17.73
N LEU B 318 0.37 -11.20 -16.87
CA LEU B 318 1.44 -11.54 -15.94
C LEU B 318 2.69 -11.96 -16.70
N PHE B 319 2.52 -12.84 -17.70
CA PHE B 319 3.68 -13.35 -18.42
C PHE B 319 4.33 -12.28 -19.29
N ILE B 320 3.52 -11.44 -19.92
CA ILE B 320 4.05 -10.35 -20.76
C ILE B 320 4.83 -9.36 -19.90
N ARG B 321 4.29 -9.02 -18.74
CA ARG B 321 4.95 -8.06 -17.86
C ARG B 321 6.19 -8.65 -17.23
N MET B 322 6.20 -9.96 -16.94
CA MET B 322 7.45 -10.60 -16.54
C MET B 322 8.50 -10.44 -17.63
N ALA B 323 8.10 -10.67 -18.89
CA ALA B 323 9.03 -10.57 -20.00
C ALA B 323 9.59 -9.16 -20.11
N LEU B 324 8.74 -8.15 -19.99
CA LEU B 324 9.20 -6.77 -20.12
C LEU B 324 10.16 -6.36 -19.01
N LEU B 325 9.84 -6.71 -17.76
CA LEU B 325 10.72 -6.40 -16.65
C LEU B 325 12.10 -7.02 -16.85
N LYS B 326 12.13 -8.30 -17.20
CA LYS B 326 13.39 -8.96 -17.46
C LYS B 326 14.16 -8.23 -18.55
N LEU B 327 13.50 -7.96 -19.68
CA LEU B 327 14.22 -7.36 -20.81
C LEU B 327 14.72 -5.97 -20.45
N LEU B 328 13.91 -5.16 -19.76
CA LEU B 328 14.34 -3.81 -19.48
C LEU B 328 15.45 -3.74 -18.45
N LEU B 329 15.51 -4.71 -17.54
CA LEU B 329 16.47 -4.63 -16.45
C LEU B 329 17.72 -5.46 -16.70
N VAL B 330 17.61 -6.66 -17.29
CA VAL B 330 18.79 -7.48 -17.53
C VAL B 330 19.03 -7.79 -18.99
N GLY B 331 18.14 -7.41 -19.89
CA GLY B 331 18.36 -7.63 -21.30
C GLY B 331 18.01 -9.03 -21.76
N TRP B 332 18.40 -9.30 -23.01
CA TRP B 332 18.14 -10.61 -23.64
C TRP B 332 19.05 -11.68 -23.07
N HIS C 22 -0.02 -34.02 3.35
CA HIS C 22 -1.32 -34.26 3.99
C HIS C 22 -2.16 -32.98 3.94
N MET C 23 -3.16 -32.98 3.07
CA MET C 23 -3.91 -31.76 2.76
CA MET C 23 -3.91 -31.77 2.76
C MET C 23 -4.78 -31.32 3.93
N PHE C 24 -4.85 -30.01 4.13
CA PHE C 24 -5.78 -29.42 5.10
C PHE C 24 -7.20 -29.64 4.62
N GLU C 25 -8.10 -29.96 5.55
CA GLU C 25 -9.45 -30.38 5.20
C GLU C 25 -10.32 -29.23 4.69
N LEU C 26 -9.93 -27.98 4.95
CA LEU C 26 -10.69 -26.83 4.46
C LEU C 26 -10.02 -26.27 3.21
N SER C 27 -10.85 -25.90 2.22
CA SER C 27 -10.35 -25.27 1.00
CA SER C 27 -10.35 -25.27 1.00
C SER C 27 -10.33 -23.75 1.11
N ASP C 28 -11.07 -23.20 2.08
CA ASP C 28 -11.28 -21.77 2.29
C ASP C 28 -11.59 -21.60 3.76
N VAL C 29 -11.39 -20.39 4.29
CA VAL C 29 -11.77 -20.10 5.69
C VAL C 29 -12.78 -18.96 5.66
N ILE C 30 -14.07 -19.31 5.71
CA ILE C 30 -15.16 -18.37 5.46
C ILE C 30 -16.09 -18.23 6.65
N GLU C 31 -16.42 -19.35 7.33
CA GLU C 31 -17.47 -19.37 8.33
C GLU C 31 -17.00 -20.16 9.55
N GLY C 32 -17.46 -19.72 10.72
CA GLY C 32 -17.09 -20.41 11.94
C GLY C 32 -17.57 -21.86 11.98
N LYS C 33 -18.72 -22.13 11.34
CA LYS C 33 -19.27 -23.49 11.35
C LYS C 33 -18.39 -24.50 10.63
N GLN C 34 -17.39 -24.06 9.88
CA GLN C 34 -16.53 -24.99 9.17
C GLN C 34 -15.63 -25.80 10.10
N PHE C 35 -15.44 -25.34 11.32
CA PHE C 35 -14.46 -25.93 12.23
C PHE C 35 -15.13 -26.89 13.22
N ASP C 36 -14.53 -28.06 13.39
CA ASP C 36 -14.92 -28.98 14.44
C ASP C 36 -13.91 -28.91 15.58
N ARG C 37 -14.28 -29.52 16.70
CA ARG C 37 -13.43 -29.44 17.88
C ARG C 37 -12.05 -30.02 17.63
N GLU C 38 -11.98 -31.16 16.94
CA GLU C 38 -10.68 -31.79 16.69
C GLU C 38 -9.79 -30.87 15.85
N MET C 39 -10.37 -30.24 14.81
CA MET C 39 -9.60 -29.36 13.96
C MET C 39 -9.09 -28.16 14.75
N LEU C 40 -9.92 -27.60 15.64
CA LEU C 40 -9.45 -26.46 16.43
C LEU C 40 -8.26 -26.83 17.31
N SER C 41 -8.34 -27.96 18.03
CA SER C 41 -7.20 -28.36 18.85
C SER C 41 -5.94 -28.53 18.02
N ALA C 42 -6.09 -29.08 16.82
CA ALA C 42 -4.93 -29.29 15.96
C ALA C 42 -4.36 -27.96 15.47
N ILE C 43 -5.24 -27.03 15.11
CA ILE C 43 -4.79 -25.71 14.68
C ILE C 43 -4.06 -25.00 15.80
N PHE C 44 -4.59 -25.10 17.03
CA PHE C 44 -3.93 -24.49 18.17
C PHE C 44 -2.53 -25.05 18.38
N ASP C 45 -2.34 -26.37 18.16
CA ASP C 45 -0.99 -26.93 18.26
C ASP C 45 -0.04 -26.34 17.22
N VAL C 46 -0.52 -26.16 15.98
CA VAL C 46 0.30 -25.54 14.94
C VAL C 46 0.65 -24.11 15.33
N ALA C 47 -0.32 -23.37 15.86
CA ALA C 47 -0.05 -22.00 16.29
C ALA C 47 1.05 -21.95 17.35
N ARG C 48 1.06 -22.90 18.29
CA ARG C 48 2.16 -22.93 19.26
C ARG C 48 3.49 -23.19 18.58
N GLU C 49 3.52 -24.02 17.55
CA GLU C 49 4.78 -24.17 16.81
C GLU C 49 5.13 -22.89 16.08
N MET C 50 4.13 -22.18 15.54
CA MET C 50 4.43 -20.91 14.85
CA MET C 50 4.43 -20.91 14.86
C MET C 50 5.01 -19.89 15.82
N GLU C 51 4.59 -19.92 17.08
CA GLU C 51 5.17 -19.03 18.07
C GLU C 51 6.67 -19.27 18.23
N LYS C 52 7.07 -20.54 18.20
CA LYS C 52 8.50 -20.88 18.23
C LYS C 52 9.22 -20.35 17.00
N ILE C 53 8.63 -20.52 15.82
CA ILE C 53 9.24 -19.98 14.61
C ILE C 53 9.36 -18.46 14.70
N GLU C 54 8.28 -17.80 15.12
CA GLU C 54 8.26 -16.34 15.16
C GLU C 54 9.34 -15.80 16.09
N LYS C 55 9.53 -16.45 17.24
CA LYS C 55 10.56 -16.05 18.21
C LYS C 55 11.96 -16.38 17.72
N SER C 56 12.09 -17.31 16.79
CA SER C 56 13.39 -17.80 16.39
C SER C 56 14.19 -16.72 15.68
N SER C 57 15.51 -16.89 15.72
CA SER C 57 16.44 -16.00 15.03
C SER C 57 16.48 -16.26 13.52
N SER C 58 16.13 -17.46 13.10
CA SER C 58 16.24 -17.86 11.70
C SER C 58 14.96 -17.54 10.95
N GLN C 59 15.12 -17.05 9.72
CA GLN C 59 14.00 -16.70 8.86
C GLN C 59 13.42 -17.99 8.26
N SER C 60 12.13 -18.22 8.51
CA SER C 60 11.48 -19.39 7.95
C SER C 60 11.24 -19.25 6.45
N GLU C 61 11.32 -20.38 5.75
CA GLU C 61 11.09 -20.40 4.31
CA GLU C 61 11.10 -20.40 4.30
C GLU C 61 9.98 -21.38 3.93
N ILE C 62 9.11 -21.72 4.88
CA ILE C 62 8.02 -22.65 4.63
C ILE C 62 7.18 -22.20 3.44
N LEU C 63 6.94 -20.90 3.32
CA LEU C 63 6.07 -20.39 2.26
C LEU C 63 6.84 -19.60 1.21
N LYS C 64 8.15 -19.82 1.10
CA LYS C 64 8.93 -19.23 0.02
C LYS C 64 8.30 -19.58 -1.32
N GLY C 65 8.12 -18.56 -2.17
CA GLY C 65 7.53 -18.74 -3.47
C GLY C 65 6.04 -18.53 -3.57
N TYR C 66 5.34 -18.46 -2.43
CA TYR C 66 3.90 -18.28 -2.45
C TYR C 66 3.59 -16.79 -2.32
N LEU C 67 2.51 -16.35 -2.96
CA LEU C 67 2.08 -14.96 -2.92
C LEU C 67 0.68 -14.87 -2.35
N MET C 68 0.49 -13.96 -1.39
CA MET C 68 -0.84 -13.65 -0.86
C MET C 68 -1.30 -12.32 -1.43
N ALA C 69 -2.54 -12.23 -1.88
CA ALA C 69 -3.13 -10.95 -2.27
C ALA C 69 -4.08 -10.53 -1.15
N THR C 70 -3.95 -9.30 -0.67
CA THR C 70 -4.91 -8.77 0.29
C THR C 70 -5.84 -7.81 -0.44
N LEU C 71 -7.13 -7.87 -0.11
CA LEU C 71 -8.14 -6.99 -0.71
C LEU C 71 -8.97 -6.44 0.46
N PHE C 72 -8.69 -5.19 0.88
CA PHE C 72 -9.40 -4.60 2.00
C PHE C 72 -10.32 -3.50 1.50
N TYR C 73 -11.63 -3.78 1.53
CA TYR C 73 -12.67 -2.84 1.18
C TYR C 73 -13.24 -2.12 2.40
N GLU C 74 -12.72 -2.41 3.59
CA GLU C 74 -13.01 -1.68 4.82
C GLU C 74 -11.69 -1.48 5.55
N PRO C 75 -11.63 -0.52 6.46
CA PRO C 75 -10.39 -0.28 7.18
C PRO C 75 -9.99 -1.45 8.07
N SER C 76 -8.70 -1.55 8.32
CA SER C 76 -8.15 -2.60 9.18
C SER C 76 -6.73 -2.23 9.57
N THR C 77 -6.38 -2.49 10.83
CA THR C 77 -5.02 -2.52 11.30
C THR C 77 -4.57 -3.94 11.62
N ARG C 78 -5.22 -4.59 12.59
CA ARG C 78 -4.75 -5.89 13.05
C ARG C 78 -4.91 -6.97 11.97
N THR C 79 -6.10 -7.09 11.38
CA THR C 79 -6.31 -8.22 10.49
C THR C 79 -5.43 -8.11 9.25
N ARG C 80 -5.35 -6.94 8.65
CA ARG C 80 -4.47 -6.77 7.48
C ARG C 80 -3.00 -6.97 7.84
N LEU C 81 -2.50 -6.28 8.86
CA LEU C 81 -1.06 -6.33 9.12
C LEU C 81 -0.64 -7.69 9.69
N SER C 82 -1.52 -8.34 10.48
CA SER C 82 -1.16 -9.65 11.02
C SER C 82 -1.10 -10.70 9.92
N PHE C 83 -2.00 -10.63 8.93
CA PHE C 83 -1.88 -11.56 7.81
C PHE C 83 -0.62 -11.31 7.01
N GLU C 84 -0.30 -10.03 6.74
CA GLU C 84 0.91 -9.73 5.96
CA GLU C 84 0.91 -9.73 5.97
C GLU C 84 2.17 -10.12 6.71
N SER C 85 2.23 -9.84 8.01
CA SER C 85 3.38 -10.20 8.82
C SER C 85 3.52 -11.71 8.90
N ALA C 86 2.41 -12.42 9.09
CA ALA C 86 2.43 -13.88 9.12
C ALA C 86 3.02 -14.44 7.84
N MET C 87 2.56 -13.94 6.69
CA MET C 87 3.05 -14.45 5.42
C MET C 87 4.55 -14.21 5.29
N LYS C 88 5.00 -13.01 5.62
CA LYS C 88 6.41 -12.67 5.46
C LYS C 88 7.27 -13.43 6.46
N ARG C 89 6.76 -13.67 7.67
CA ARG C 89 7.55 -14.44 8.64
CA ARG C 89 7.56 -14.43 8.63
C ARG C 89 7.74 -15.88 8.20
N LEU C 90 6.87 -16.39 7.33
CA LEU C 90 7.01 -17.73 6.79
C LEU C 90 7.73 -17.74 5.44
N GLY C 91 8.24 -16.60 4.99
CA GLY C 91 9.03 -16.53 3.78
C GLY C 91 8.25 -16.24 2.51
N GLY C 92 6.94 -16.04 2.61
CA GLY C 92 6.13 -15.71 1.46
C GLY C 92 6.12 -14.22 1.19
N GLU C 93 5.42 -13.85 0.11
CA GLU C 93 5.35 -12.44 -0.29
C GLU C 93 3.88 -12.04 -0.38
N VAL C 94 3.67 -10.73 -0.45
CA VAL C 94 2.34 -10.14 -0.32
C VAL C 94 2.14 -9.12 -1.41
N LEU C 95 0.95 -9.16 -2.02
CA LEU C 95 0.46 -8.15 -2.98
C LEU C 95 -0.67 -7.39 -2.30
N THR C 96 -0.44 -6.16 -1.88
CA THR C 96 -1.43 -5.48 -1.06
CA THR C 96 -1.44 -5.48 -1.07
C THR C 96 -2.37 -4.60 -1.88
N THR C 97 -3.62 -4.54 -1.43
CA THR C 97 -4.58 -3.50 -1.83
C THR C 97 -5.16 -3.02 -0.50
N GLU C 98 -4.60 -1.93 0.06
CA GLU C 98 -5.01 -1.50 1.39
C GLU C 98 -6.33 -0.72 1.37
N ASN C 99 -6.67 -0.09 0.25
CA ASN C 99 -7.99 0.55 0.09
C ASN C 99 -8.57 0.15 -1.25
N ALA C 100 -9.27 -0.98 -1.29
CA ALA C 100 -9.80 -1.45 -2.57
C ALA C 100 -10.94 -0.58 -3.09
N ARG C 101 -11.69 0.10 -2.21
CA ARG C 101 -12.78 0.93 -2.71
C ARG C 101 -12.26 2.09 -3.57
N GLU C 102 -11.15 2.68 -3.18
CA GLU C 102 -10.65 3.88 -3.85
CA GLU C 102 -10.66 3.88 -3.85
C GLU C 102 -9.53 3.63 -4.85
N ALA C 103 -8.67 2.65 -4.59
CA ALA C 103 -7.46 2.46 -5.39
C ALA C 103 -7.50 1.28 -6.34
N SER C 104 -8.43 0.35 -6.19
CA SER C 104 -8.54 -0.74 -7.15
C SER C 104 -9.60 -0.38 -8.19
N SER C 105 -9.71 -1.22 -9.21
CA SER C 105 -10.71 -0.93 -10.24
C SER C 105 -12.13 -1.21 -9.77
N ALA C 106 -12.33 -1.65 -8.52
CA ALA C 106 -13.65 -1.51 -7.93
C ALA C 106 -14.18 -0.09 -8.06
N ALA C 107 -13.28 0.88 -8.00
CA ALA C 107 -13.63 2.27 -8.17
C ALA C 107 -14.23 2.57 -9.54
N LYS C 108 -13.96 1.76 -10.54
CA LYS C 108 -14.53 1.89 -11.87
C LYS C 108 -15.88 1.18 -12.00
N GLY C 109 -16.30 0.47 -10.96
CA GLY C 109 -17.53 -0.30 -10.98
C GLY C 109 -17.39 -1.81 -11.00
N GLU C 110 -16.17 -2.33 -10.90
CA GLU C 110 -15.98 -3.76 -11.04
C GLU C 110 -16.63 -4.53 -9.89
N THR C 111 -17.29 -5.63 -10.23
CA THR C 111 -17.89 -6.48 -9.22
C THR C 111 -16.80 -7.21 -8.43
N LEU C 112 -17.17 -7.65 -7.23
CA LEU C 112 -16.25 -8.45 -6.42
C LEU C 112 -15.86 -9.73 -7.14
N GLU C 113 -16.82 -10.38 -7.82
CA GLU C 113 -16.52 -11.65 -8.46
C GLU C 113 -15.48 -11.49 -9.56
N ASP C 114 -15.62 -10.44 -10.38
CA ASP C 114 -14.61 -10.22 -11.41
C ASP C 114 -13.27 -9.89 -10.80
N THR C 115 -13.29 -9.10 -9.72
CA THR C 115 -12.06 -8.80 -9.00
C THR C 115 -11.37 -10.07 -8.54
N ILE C 116 -12.12 -10.99 -7.92
CA ILE C 116 -11.50 -12.22 -7.40
C ILE C 116 -10.95 -13.07 -8.53
N ARG C 117 -11.72 -13.21 -9.59
CA ARG C 117 -11.30 -13.99 -10.76
CA ARG C 117 -11.31 -14.00 -10.74
C ARG C 117 -9.99 -13.48 -11.32
N THR C 118 -9.81 -12.16 -11.36
CA THR C 118 -8.56 -11.69 -11.96
C THR C 118 -7.41 -11.70 -10.97
N VAL C 119 -7.69 -11.41 -9.69
CA VAL C 119 -6.62 -11.38 -8.69
C VAL C 119 -6.04 -12.77 -8.46
N GLU C 120 -6.84 -13.83 -8.65
CA GLU C 120 -6.27 -15.17 -8.52
C GLU C 120 -5.22 -15.46 -9.58
N GLY C 121 -5.22 -14.74 -10.69
CA GLY C 121 -4.17 -14.95 -11.67
C GLY C 121 -2.79 -14.52 -11.22
N TYR C 122 -2.73 -13.73 -10.15
CA TYR C 122 -1.47 -13.17 -9.69
C TYR C 122 -1.01 -13.72 -8.36
N SER C 123 -1.79 -14.61 -7.74
CA SER C 123 -1.57 -14.95 -6.34
C SER C 123 -1.95 -16.40 -6.10
N ASP C 124 -1.58 -16.87 -4.90
CA ASP C 124 -1.85 -18.22 -4.46
C ASP C 124 -2.89 -18.29 -3.35
N ILE C 125 -3.19 -17.18 -2.70
CA ILE C 125 -4.20 -17.13 -1.64
C ILE C 125 -4.66 -15.70 -1.52
N ILE C 126 -5.95 -15.52 -1.23
CA ILE C 126 -6.57 -14.20 -1.13
C ILE C 126 -7.12 -14.02 0.28
N VAL C 127 -6.80 -12.89 0.88
CA VAL C 127 -7.39 -12.43 2.14
C VAL C 127 -8.24 -11.21 1.81
N MET C 128 -9.53 -11.29 2.10
CA MET C 128 -10.43 -10.21 1.70
C MET C 128 -11.31 -9.80 2.86
N ARG C 129 -11.39 -8.49 3.10
CA ARG C 129 -12.39 -7.88 3.98
C ARG C 129 -13.34 -7.07 3.10
N HIS C 130 -14.64 -7.26 3.27
CA HIS C 130 -15.62 -6.62 2.42
C HIS C 130 -16.70 -5.99 3.30
N PHE C 131 -17.46 -5.04 2.73
CA PHE C 131 -18.51 -4.38 3.48
C PHE C 131 -19.86 -5.09 3.38
N GLU C 132 -19.99 -6.10 2.53
CA GLU C 132 -21.25 -6.82 2.36
C GLU C 132 -21.20 -8.19 3.01
N SER C 133 -22.22 -8.50 3.82
CA SER C 133 -22.38 -9.86 4.29
CA SER C 133 -22.40 -9.87 4.29
C SER C 133 -22.56 -10.81 3.11
N GLY C 134 -21.92 -11.98 3.18
CA GLY C 134 -21.98 -12.93 2.09
C GLY C 134 -20.89 -12.80 1.06
N ALA C 135 -20.10 -11.73 1.12
CA ALA C 135 -19.11 -11.49 0.08
C ALA C 135 -18.05 -12.58 0.04
N ALA C 136 -17.64 -13.09 1.22
CA ALA C 136 -16.53 -14.04 1.24
C ALA C 136 -16.95 -15.38 0.68
N ARG C 137 -18.20 -15.78 0.93
CA ARG C 137 -18.74 -17.00 0.34
CA ARG C 137 -18.74 -17.00 0.34
C ARG C 137 -18.78 -16.90 -1.18
N LYS C 138 -19.19 -15.75 -1.71
CA LYS C 138 -19.19 -15.55 -3.16
C LYS C 138 -17.77 -15.56 -3.73
N ALA C 139 -16.82 -14.95 -3.03
CA ALA C 139 -15.43 -14.98 -3.47
C ALA C 139 -14.89 -16.41 -3.49
N ALA C 140 -15.19 -17.20 -2.45
CA ALA C 140 -14.68 -18.57 -2.43
C ALA C 140 -15.29 -19.40 -3.55
N ALA C 141 -16.58 -19.18 -3.85
CA ALA C 141 -17.22 -19.90 -4.95
C ALA C 141 -16.61 -19.57 -6.28
N THR C 142 -16.16 -18.32 -6.44
CA THR C 142 -15.53 -17.88 -7.69
C THR C 142 -14.11 -18.42 -7.84
N ALA C 143 -13.33 -18.35 -6.78
CA ALA C 143 -11.92 -18.61 -6.84
C ALA C 143 -11.57 -20.10 -6.81
N ASN C 144 -10.53 -20.46 -7.53
CA ASN C 144 -9.97 -21.80 -7.46
CA ASN C 144 -9.96 -21.80 -7.46
C ASN C 144 -8.74 -21.87 -6.57
N ILE C 145 -8.42 -20.77 -5.89
CA ILE C 145 -7.36 -20.74 -4.88
C ILE C 145 -8.04 -20.45 -3.55
N PRO C 146 -7.38 -20.72 -2.43
CA PRO C 146 -8.01 -20.49 -1.12
C PRO C 146 -8.32 -19.03 -0.89
N VAL C 147 -9.47 -18.79 -0.28
CA VAL C 147 -9.92 -17.47 0.16
C VAL C 147 -10.10 -17.50 1.67
N ILE C 148 -9.64 -16.43 2.31
CA ILE C 148 -9.83 -16.25 3.74
C ILE C 148 -10.70 -15.02 3.93
N ASN C 149 -11.78 -15.19 4.67
CA ASN C 149 -12.68 -14.10 5.04
C ASN C 149 -12.09 -13.28 6.18
N ALA C 150 -11.67 -12.05 5.89
CA ALA C 150 -11.15 -11.13 6.90
C ALA C 150 -12.24 -10.27 7.49
N GLY C 151 -13.50 -10.62 7.24
CA GLY C 151 -14.67 -9.93 7.71
C GLY C 151 -15.56 -9.57 6.54
N ASP C 152 -16.82 -10.01 6.54
CA ASP C 152 -17.74 -9.74 5.44
C ASP C 152 -18.93 -8.96 6.01
N GLY C 153 -18.84 -7.64 5.98
CA GLY C 153 -19.88 -6.82 6.55
C GLY C 153 -20.11 -7.18 7.99
N PRO C 154 -21.33 -7.07 8.46
CA PRO C 154 -21.62 -7.46 9.85
C PRO C 154 -21.86 -8.97 9.98
N GLY C 155 -21.32 -9.75 9.05
CA GLY C 155 -21.60 -11.17 9.00
C GLY C 155 -20.70 -12.02 9.87
N GLU C 156 -19.50 -12.35 9.39
CA GLU C 156 -18.60 -13.22 10.13
C GLU C 156 -17.17 -12.73 10.04
N HIS C 157 -16.36 -13.31 10.93
CA HIS C 157 -14.94 -12.96 11.08
C HIS C 157 -14.26 -14.20 11.64
N PRO C 158 -14.11 -15.24 10.81
CA PRO C 158 -13.75 -16.57 11.36
C PRO C 158 -12.35 -16.63 11.93
N THR C 159 -11.38 -15.88 11.38
CA THR C 159 -10.05 -15.94 11.96
C THR C 159 -9.96 -15.12 13.25
N GLN C 160 -10.80 -14.10 13.43
CA GLN C 160 -10.89 -13.48 14.75
C GLN C 160 -11.37 -14.51 15.77
N ALA C 161 -12.40 -15.27 15.40
CA ALA C 161 -12.94 -16.24 16.34
C ALA C 161 -11.90 -17.30 16.67
N LEU C 162 -11.14 -17.71 15.65
CA LEU C 162 -10.10 -18.70 15.88
CA LEU C 162 -10.10 -18.71 15.88
C LEU C 162 -9.05 -18.20 16.87
N LEU C 163 -8.60 -16.94 16.69
CA LEU C 163 -7.58 -16.45 17.59
C LEU C 163 -8.18 -16.15 18.96
N ASP C 164 -9.48 -15.85 19.01
CA ASP C 164 -10.14 -15.60 20.28
C ASP C 164 -10.18 -16.87 21.14
N VAL C 165 -10.55 -18.00 20.53
CA VAL C 165 -10.63 -19.25 21.28
C VAL C 165 -9.25 -19.73 21.69
N TYR C 166 -8.27 -19.56 20.81
CA TYR C 166 -6.88 -19.84 21.16
C TYR C 166 -6.43 -19.02 22.36
N THR C 167 -6.79 -17.73 22.38
CA THR C 167 -6.46 -16.89 23.51
C THR C 167 -7.11 -17.38 24.79
N ILE C 168 -8.40 -17.72 24.75
CA ILE C 168 -9.06 -18.22 25.96
C ILE C 168 -8.37 -19.48 26.46
N GLN C 169 -8.13 -20.44 25.57
CA GLN C 169 -7.41 -21.66 25.97
C GLN C 169 -6.05 -21.32 26.54
N SER C 170 -5.37 -20.34 25.96
CA SER C 170 -4.04 -19.96 26.44
C SER C 170 -4.11 -19.27 27.78
N GLU C 171 -5.12 -18.44 28.00
CA GLU C 171 -5.20 -17.63 29.21
C GLU C 171 -5.88 -18.36 30.36
N ILE C 172 -6.98 -19.07 30.07
CA ILE C 172 -7.79 -19.72 31.09
C ILE C 172 -7.34 -21.16 31.31
N GLY C 173 -6.68 -21.76 30.32
CA GLY C 173 -6.20 -23.13 30.38
C GLY C 173 -7.19 -24.17 29.95
N LYS C 174 -8.41 -23.78 29.61
CA LYS C 174 -9.46 -24.72 29.26
C LYS C 174 -10.53 -24.00 28.47
N LEU C 175 -11.32 -24.78 27.75
CA LEU C 175 -12.49 -24.30 27.04
C LEU C 175 -13.77 -25.01 27.48
N ASP C 176 -13.69 -26.27 27.84
CA ASP C 176 -14.86 -26.94 28.39
C ASP C 176 -15.24 -26.32 29.72
N GLY C 177 -16.55 -26.12 29.92
CA GLY C 177 -17.08 -25.72 31.21
C GLY C 177 -17.02 -24.24 31.51
N ILE C 178 -16.58 -23.40 30.60
CA ILE C 178 -16.37 -22.01 30.95
C ILE C 178 -17.65 -21.22 30.79
N SER C 179 -17.67 -20.03 31.39
CA SER C 179 -18.75 -19.05 31.22
C SER C 179 -18.14 -17.83 30.52
N VAL C 180 -18.76 -17.42 29.42
CA VAL C 180 -18.27 -16.33 28.57
C VAL C 180 -19.38 -15.30 28.45
N ALA C 181 -19.06 -14.04 28.71
CA ALA C 181 -19.96 -12.92 28.47
C ALA C 181 -19.57 -12.25 27.17
N LEU C 182 -20.54 -12.10 26.28
CA LEU C 182 -20.39 -11.35 25.02
C LEU C 182 -21.14 -10.06 25.21
N VAL C 183 -20.43 -8.95 25.14
CA VAL C 183 -20.95 -7.67 25.60
C VAL C 183 -20.88 -6.67 24.45
N GLY C 184 -21.93 -5.86 24.31
CA GLY C 184 -21.84 -4.68 23.47
C GLY C 184 -22.73 -4.77 22.25
N ASP C 185 -22.17 -4.60 21.06
CA ASP C 185 -22.98 -4.60 19.85
C ASP C 185 -22.93 -6.02 19.31
N LEU C 186 -23.90 -6.84 19.74
CA LEU C 186 -23.95 -8.22 19.31
C LEU C 186 -24.64 -8.37 17.96
N ALA C 187 -25.66 -7.56 17.73
CA ALA C 187 -26.40 -7.60 16.47
C ALA C 187 -25.46 -7.49 15.27
N ASN C 188 -24.57 -6.49 15.29
CA ASN C 188 -23.67 -6.19 14.20
C ASN C 188 -22.28 -6.78 14.38
N GLY C 189 -22.03 -7.50 15.47
CA GLY C 189 -20.68 -7.92 15.75
C GLY C 189 -20.30 -9.17 14.99
N ARG C 190 -19.61 -9.01 13.86
CA ARG C 190 -19.16 -10.19 13.14
C ARG C 190 -18.23 -11.06 13.99
N THR C 191 -17.52 -10.44 14.94
CA THR C 191 -16.62 -11.17 15.84
C THR C 191 -17.41 -12.10 16.76
N VAL C 192 -18.37 -11.55 17.49
CA VAL C 192 -19.09 -12.39 18.46
C VAL C 192 -19.96 -13.42 17.76
N ARG C 193 -20.44 -13.11 16.55
CA ARG C 193 -21.19 -14.10 15.77
C ARG C 193 -20.33 -15.31 15.44
N SER C 194 -19.13 -15.10 14.93
CA SER C 194 -18.26 -16.21 14.60
C SER C 194 -17.80 -16.93 15.86
N LEU C 195 -17.53 -16.16 16.94
CA LEU C 195 -17.09 -16.76 18.19
C LEU C 195 -18.15 -17.68 18.75
N ALA C 196 -19.41 -17.29 18.65
CA ALA C 196 -20.50 -18.15 19.13
C ALA C 196 -20.48 -19.52 18.46
N TYR C 197 -20.20 -19.56 17.15
CA TYR C 197 -20.14 -20.85 16.47
C TYR C 197 -19.02 -21.70 17.01
N LEU C 198 -17.83 -21.11 17.24
CA LEU C 198 -16.71 -21.92 17.71
C LEU C 198 -16.94 -22.40 19.15
N LEU C 199 -17.51 -21.56 20.02
CA LEU C 199 -17.67 -21.97 21.41
C LEU C 199 -18.65 -23.14 21.52
N ALA C 200 -19.58 -23.25 20.57
CA ALA C 200 -20.56 -24.34 20.56
C ALA C 200 -19.94 -25.70 20.29
N LYS C 201 -18.66 -25.76 19.90
CA LYS C 201 -17.98 -27.02 19.64
C LYS C 201 -17.38 -27.65 20.90
N PHE C 202 -17.41 -26.97 22.03
CA PHE C 202 -16.93 -27.46 23.32
C PHE C 202 -18.11 -27.75 24.23
N LYS C 203 -17.84 -28.37 25.37
CA LYS C 203 -18.93 -28.86 26.19
C LYS C 203 -19.12 -28.00 27.44
N ASP C 204 -20.37 -27.86 27.86
CA ASP C 204 -20.71 -27.18 29.11
C ASP C 204 -20.27 -25.73 29.09
N VAL C 205 -20.30 -25.11 27.92
CA VAL C 205 -20.02 -23.68 27.78
C VAL C 205 -21.33 -22.93 28.01
N LYS C 206 -21.28 -21.94 28.90
CA LYS C 206 -22.40 -21.03 29.11
C LYS C 206 -22.04 -19.66 28.56
N ILE C 207 -22.95 -19.08 27.79
CA ILE C 207 -22.76 -17.78 27.15
C ILE C 207 -23.80 -16.81 27.69
N TYR C 208 -23.34 -15.65 28.16
CA TYR C 208 -24.22 -14.56 28.53
C TYR C 208 -24.18 -13.49 27.45
N PHE C 209 -25.35 -13.01 27.02
CA PHE C 209 -25.43 -11.87 26.11
C PHE C 209 -25.78 -10.63 26.91
N VAL C 210 -24.93 -9.60 26.83
CA VAL C 210 -25.14 -8.34 27.55
C VAL C 210 -25.09 -7.21 26.53
N SER C 211 -26.22 -6.55 26.26
CA SER C 211 -26.25 -5.55 25.21
C SER C 211 -27.43 -4.61 25.45
N PRO C 212 -27.38 -3.41 24.87
CA PRO C 212 -28.61 -2.64 24.70
C PRO C 212 -29.57 -3.45 23.84
N GLU C 213 -30.88 -3.29 24.10
CA GLU C 213 -31.86 -4.09 23.37
CA GLU C 213 -31.86 -4.09 23.37
C GLU C 213 -31.76 -3.86 21.86
N ILE C 214 -31.43 -2.65 21.43
CA ILE C 214 -31.42 -2.41 19.99
C ILE C 214 -30.29 -3.13 19.28
N VAL C 215 -29.30 -3.68 19.98
CA VAL C 215 -28.23 -4.41 19.31
C VAL C 215 -28.07 -5.80 19.94
N LYS C 216 -29.18 -6.42 20.31
CA LYS C 216 -29.16 -7.78 20.83
C LYS C 216 -28.66 -8.77 19.77
N MET C 217 -28.20 -9.92 20.25
CA MET C 217 -27.74 -10.96 19.33
C MET C 217 -28.88 -11.39 18.41
N LYS C 218 -28.57 -11.57 17.12
CA LYS C 218 -29.61 -11.91 16.15
C LYS C 218 -30.09 -13.37 16.33
N ASP C 219 -31.26 -13.65 15.75
CA ASP C 219 -31.92 -14.93 15.97
C ASP C 219 -31.17 -16.09 15.30
N ASP C 220 -30.43 -15.85 14.21
CA ASP C 220 -29.70 -16.94 13.60
C ASP C 220 -28.66 -17.52 14.56
N ILE C 221 -28.01 -16.67 15.36
CA ILE C 221 -27.04 -17.18 16.33
C ILE C 221 -27.76 -17.91 17.47
N LYS C 222 -28.79 -17.27 18.01
CA LYS C 222 -29.54 -17.87 19.12
C LYS C 222 -30.08 -19.23 18.74
N ASP C 223 -30.70 -19.33 17.56
CA ASP C 223 -31.25 -20.60 17.09
C ASP C 223 -30.16 -21.64 16.91
N TYR C 224 -28.99 -21.25 16.41
CA TYR C 224 -27.90 -22.20 16.28
C TYR C 224 -27.45 -22.70 17.64
N LEU C 225 -27.31 -21.80 18.62
CA LEU C 225 -26.84 -22.20 19.93
C LEU C 225 -27.84 -23.15 20.57
N THR C 226 -29.12 -22.81 20.50
CA THR C 226 -30.16 -23.69 21.06
C THR C 226 -30.11 -25.06 20.40
N SER C 227 -30.07 -25.10 19.07
CA SER C 227 -30.03 -26.38 18.37
CA SER C 227 -30.03 -26.38 18.37
C SER C 227 -28.80 -27.20 18.76
N SER C 228 -27.73 -26.53 19.17
CA SER C 228 -26.50 -27.19 19.59
C SER C 228 -26.47 -27.50 21.07
N GLY C 229 -27.56 -27.24 21.79
CA GLY C 229 -27.60 -27.50 23.22
C GLY C 229 -26.64 -26.67 24.02
N VAL C 230 -26.37 -25.43 23.59
CA VAL C 230 -25.52 -24.51 24.32
C VAL C 230 -26.41 -23.57 25.13
N GLU C 231 -26.20 -23.54 26.44
CA GLU C 231 -26.99 -22.68 27.31
C GLU C 231 -26.58 -21.24 27.12
N TRP C 232 -27.56 -20.37 26.88
CA TRP C 232 -27.32 -18.94 26.75
C TRP C 232 -28.41 -18.15 27.45
N GLU C 233 -28.05 -16.95 27.88
CA GLU C 233 -28.93 -16.08 28.67
C GLU C 233 -28.59 -14.63 28.36
N GLU C 234 -29.64 -13.84 28.14
CA GLU C 234 -29.51 -12.40 28.03
C GLU C 234 -29.65 -11.77 29.41
N SER C 235 -28.78 -10.79 29.69
CA SER C 235 -28.84 -10.04 30.94
C SER C 235 -28.41 -8.61 30.72
N SER C 236 -28.99 -7.68 31.47
CA SER C 236 -28.60 -6.28 31.43
CA SER C 236 -28.60 -6.28 31.44
C SER C 236 -27.77 -5.88 32.65
N ASP C 237 -27.40 -6.83 33.49
CA ASP C 237 -26.64 -6.57 34.71
C ASP C 237 -25.21 -7.04 34.48
N LEU C 238 -24.37 -6.14 33.97
CA LEU C 238 -23.02 -6.55 33.60
C LEU C 238 -22.17 -6.87 34.84
N MET C 239 -22.33 -6.12 35.92
CA MET C 239 -21.54 -6.43 37.11
C MET C 239 -21.85 -7.83 37.66
N GLU C 240 -23.13 -8.20 37.67
CA GLU C 240 -23.51 -9.55 38.12
C GLU C 240 -22.94 -10.60 37.18
N VAL C 241 -23.12 -10.41 35.86
CA VAL C 241 -22.62 -11.38 34.89
C VAL C 241 -21.10 -11.49 35.00
N ALA C 242 -20.41 -10.37 35.05
CA ALA C 242 -18.96 -10.40 35.08
C ALA C 242 -18.45 -11.13 36.32
N SER C 243 -19.23 -11.08 37.42
CA SER C 243 -18.80 -11.72 38.65
C SER C 243 -18.65 -13.23 38.50
N LYS C 244 -19.38 -13.83 37.56
CA LYS C 244 -19.39 -15.29 37.42
C LYS C 244 -18.92 -15.76 36.05
N CYS C 245 -18.13 -14.97 35.34
CA CYS C 245 -17.61 -15.39 34.03
C CYS C 245 -16.10 -15.53 34.06
N ASP C 246 -15.61 -16.50 33.28
CA ASP C 246 -14.20 -16.67 33.04
C ASP C 246 -13.68 -15.62 32.05
N VAL C 247 -14.51 -15.23 31.10
CA VAL C 247 -14.14 -14.35 30.01
C VAL C 247 -15.23 -13.29 29.89
N VAL C 248 -14.83 -12.02 29.85
CA VAL C 248 -15.71 -10.91 29.49
C VAL C 248 -15.18 -10.35 28.16
N TYR C 249 -15.94 -10.54 27.11
CA TYR C 249 -15.55 -10.20 25.75
C TYR C 249 -16.34 -8.95 25.35
N GLN C 250 -15.67 -7.81 25.33
CA GLN C 250 -16.28 -6.52 25.06
C GLN C 250 -16.11 -6.18 23.58
N THR C 251 -17.03 -5.39 23.06
CA THR C 251 -16.99 -5.01 21.66
C THR C 251 -17.21 -3.52 21.48
N ARG C 252 -16.83 -3.05 20.30
CA ARG C 252 -17.13 -1.69 19.85
C ARG C 252 -18.54 -1.62 19.27
N ILE C 253 -19.27 -0.55 19.57
CA ILE C 253 -20.54 -0.31 18.87
C ILE C 253 -20.23 0.03 17.41
N GLN C 254 -20.83 -0.72 16.48
CA GLN C 254 -20.36 -0.73 15.08
C GLN C 254 -21.00 0.40 14.27
N ARG C 255 -20.43 1.61 14.43
CA ARG C 255 -21.05 2.82 13.89
C ARG C 255 -21.29 2.70 12.38
N GLU C 256 -20.35 2.06 11.65
CA GLU C 256 -20.50 1.96 10.21
C GLU C 256 -21.68 1.11 9.76
N ARG C 257 -22.37 0.44 10.67
CA ARG C 257 -23.51 -0.37 10.30
C ARG C 257 -24.83 0.34 10.58
N PHE C 258 -24.80 1.54 11.15
CA PHE C 258 -26.03 2.20 11.57
C PHE C 258 -26.63 3.10 10.51
N GLY C 259 -25.97 3.27 9.37
CA GLY C 259 -26.55 4.08 8.30
C GLY C 259 -26.85 5.48 8.81
N GLU C 260 -28.05 5.98 8.53
CA GLU C 260 -28.44 7.31 8.99
C GLU C 260 -29.00 7.30 10.40
N ARG C 261 -29.13 6.13 11.03
CA ARG C 261 -29.78 6.04 12.35
C ARG C 261 -28.74 6.30 13.45
N LEU C 262 -28.15 7.48 13.38
CA LEU C 262 -27.16 7.87 14.38
C LEU C 262 -27.80 8.10 15.74
N ASP C 263 -29.12 8.31 15.80
CA ASP C 263 -29.83 8.30 17.06
C ASP C 263 -29.70 6.94 17.75
N LEU C 264 -29.87 5.87 16.98
CA LEU C 264 -29.73 4.51 17.53
C LEU C 264 -28.28 4.19 17.88
N TYR C 265 -27.34 4.65 17.07
CA TYR C 265 -25.93 4.49 17.41
C TYR C 265 -25.63 5.11 18.78
N GLU C 266 -26.01 6.38 18.98
CA GLU C 266 -25.69 6.99 20.26
C GLU C 266 -26.51 6.38 21.40
N ALA C 267 -27.71 5.87 21.10
CA ALA C 267 -28.46 5.16 22.14
C ALA C 267 -27.73 3.90 22.60
N ALA C 268 -27.04 3.22 21.68
CA ALA C 268 -26.37 1.97 22.03
C ALA C 268 -25.03 2.21 22.71
N ARG C 269 -24.47 3.40 22.56
CA ARG C 269 -23.17 3.70 23.13
C ARG C 269 -23.25 4.03 24.61
N GLY C 270 -22.17 3.72 25.31
CA GLY C 270 -21.97 4.21 26.66
C GLY C 270 -22.73 3.50 27.74
N LYS C 271 -23.42 2.40 27.42
CA LYS C 271 -24.29 1.76 28.39
C LYS C 271 -23.64 0.61 29.14
N PHE C 272 -22.63 -0.02 28.55
CA PHE C 272 -21.91 -1.15 29.17
C PHE C 272 -20.42 -0.92 29.01
N ILE C 273 -19.77 -0.53 30.10
CA ILE C 273 -18.37 -0.11 30.08
C ILE C 273 -17.57 -1.05 30.97
N VAL C 274 -16.41 -1.48 30.48
CA VAL C 274 -15.45 -2.21 31.29
C VAL C 274 -14.53 -1.18 31.95
N ASP C 275 -14.62 -1.08 33.28
CA ASP C 275 -13.83 -0.12 34.03
C ASP C 275 -13.28 -0.79 35.29
N LYS C 276 -12.59 -0.01 36.12
CA LYS C 276 -11.90 -0.61 37.28
C LYS C 276 -12.92 -1.21 38.25
N ASP C 277 -14.08 -0.57 38.39
CA ASP C 277 -15.12 -1.14 39.24
C ASP C 277 -15.56 -2.50 38.74
N LEU C 278 -15.65 -2.67 37.41
CA LEU C 278 -16.06 -3.98 36.90
C LEU C 278 -15.00 -5.04 37.20
N LEU C 279 -13.73 -4.69 37.02
CA LEU C 279 -12.65 -5.62 37.33
C LEU C 279 -12.69 -6.01 38.80
N GLY C 280 -13.07 -5.07 39.66
CA GLY C 280 -13.14 -5.31 41.09
C GLY C 280 -14.10 -6.40 41.51
N VAL C 281 -15.08 -6.75 40.67
CA VAL C 281 -16.01 -7.83 41.00
C VAL C 281 -15.68 -9.10 40.25
N MET C 282 -14.63 -9.09 39.43
CA MET C 282 -14.30 -10.25 38.63
C MET C 282 -13.33 -11.15 39.39
N GLN C 283 -13.41 -12.44 39.10
CA GLN C 283 -12.50 -13.39 39.69
C GLN C 283 -11.05 -13.10 39.29
N LYS C 284 -10.13 -13.64 40.08
CA LYS C 284 -8.73 -13.35 39.85
C LYS C 284 -8.20 -13.96 38.55
N LYS C 285 -8.74 -15.09 38.14
CA LYS C 285 -8.26 -15.80 36.96
C LYS C 285 -9.14 -15.55 35.73
N ALA C 286 -10.06 -14.60 35.79
CA ALA C 286 -10.88 -14.24 34.63
C ALA C 286 -10.09 -13.26 33.76
N ILE C 287 -10.57 -13.04 32.52
CA ILE C 287 -9.89 -12.14 31.60
C ILE C 287 -10.90 -11.22 30.91
N ILE C 288 -10.39 -10.06 30.47
CA ILE C 288 -11.08 -9.15 29.57
C ILE C 288 -10.50 -9.32 28.17
N MET C 289 -11.37 -9.50 27.18
CA MET C 289 -10.99 -9.58 25.78
C MET C 289 -11.76 -8.50 24.99
N HIS C 290 -11.21 -8.15 23.84
CA HIS C 290 -11.81 -7.14 22.96
C HIS C 290 -11.11 -7.32 21.62
N PRO C 291 -11.84 -7.52 20.50
CA PRO C 291 -11.15 -7.72 19.21
C PRO C 291 -10.43 -6.48 18.71
N LEU C 292 -10.78 -5.32 19.23
CA LEU C 292 -10.20 -4.01 18.96
C LEU C 292 -10.61 -3.51 17.57
N PRO C 293 -10.58 -2.19 17.34
CA PRO C 293 -10.25 -1.14 18.29
C PRO C 293 -11.36 -0.91 19.30
N ARG C 294 -10.95 -0.45 20.48
CA ARG C 294 -11.88 0.05 21.47
C ARG C 294 -11.94 1.57 21.37
N LEU C 295 -13.10 2.12 21.70
CA LEU C 295 -13.23 3.55 21.89
C LEU C 295 -13.31 3.81 23.38
N ASP C 296 -14.48 4.12 23.93
CA ASP C 296 -14.66 4.42 25.35
C ASP C 296 -15.05 3.22 26.19
N GLU C 297 -15.30 2.06 25.57
CA GLU C 297 -15.98 0.98 26.27
C GLU C 297 -15.05 0.11 27.13
N ILE C 298 -13.74 0.30 27.07
CA ILE C 298 -12.81 -0.18 28.08
C ILE C 298 -11.97 1.02 28.48
N THR C 299 -12.04 1.42 29.74
CA THR C 299 -11.25 2.55 30.19
C THR C 299 -9.76 2.23 30.20
N ALA C 300 -8.96 3.27 30.03
CA ALA C 300 -7.51 3.10 29.91
C ALA C 300 -6.90 2.50 31.18
N ASP C 301 -7.49 2.74 32.35
CA ASP C 301 -6.87 2.20 33.56
C ASP C 301 -7.07 0.70 33.69
N VAL C 302 -7.97 0.10 32.90
CA VAL C 302 -8.05 -1.35 32.88
C VAL C 302 -6.78 -1.96 32.31
N ASP C 303 -6.07 -1.24 31.42
CA ASP C 303 -4.97 -1.86 30.69
C ASP C 303 -3.91 -2.42 31.62
N ALA C 304 -3.66 -1.72 32.74
CA ALA C 304 -2.63 -2.13 33.69
C ALA C 304 -2.98 -3.40 34.45
N ASP C 305 -4.22 -3.82 34.44
CA ASP C 305 -4.60 -5.05 35.14
C ASP C 305 -4.08 -6.26 34.39
N PRO C 306 -3.44 -7.22 35.07
CA PRO C 306 -2.95 -8.41 34.36
C PRO C 306 -4.03 -9.20 33.64
N ARG C 307 -5.29 -9.01 34.02
CA ARG C 307 -6.39 -9.71 33.40
C ARG C 307 -6.82 -9.08 32.08
N ALA C 308 -6.30 -7.90 31.75
CA ALA C 308 -6.59 -7.23 30.46
C ALA C 308 -5.80 -7.94 29.38
N ALA C 309 -6.48 -8.76 28.60
CA ALA C 309 -5.84 -9.68 27.69
C ALA C 309 -5.93 -9.26 26.21
N TYR C 310 -6.49 -8.08 25.90
CA TYR C 310 -6.79 -7.75 24.51
C TYR C 310 -5.53 -7.46 23.69
N PHE C 311 -4.42 -7.03 24.29
CA PHE C 311 -3.20 -6.90 23.49
C PHE C 311 -2.49 -8.24 23.33
N ARG C 312 -2.53 -9.12 24.32
CA ARG C 312 -2.03 -10.48 24.10
C ARG C 312 -2.86 -11.20 23.03
N GLN C 313 -4.18 -10.98 23.07
CA GLN C 313 -5.10 -11.52 22.10
C GLN C 313 -4.70 -11.10 20.70
N ALA C 314 -4.48 -9.80 20.49
CA ALA C 314 -4.07 -9.35 19.16
C ALA C 314 -2.75 -9.99 18.73
N LYS C 315 -1.78 -10.07 19.64
CA LYS C 315 -0.51 -10.70 19.30
C LYS C 315 -0.70 -12.16 18.90
N ASN C 316 -1.59 -12.86 19.61
CA ASN C 316 -1.86 -14.25 19.26
C ASN C 316 -2.39 -14.42 17.83
N GLY C 317 -3.06 -13.38 17.27
CA GLY C 317 -3.53 -13.49 15.90
C GLY C 317 -2.40 -13.72 14.91
N LEU C 318 -1.21 -13.24 15.22
CA LEU C 318 -0.08 -13.50 14.35
C LEU C 318 0.18 -14.99 14.23
N PHE C 319 0.21 -15.70 15.35
CA PHE C 319 0.55 -17.12 15.30
C PHE C 319 -0.58 -17.95 14.69
N ILE C 320 -1.83 -17.59 14.99
CA ILE C 320 -2.98 -18.28 14.41
C ILE C 320 -3.03 -18.06 12.91
N ARG C 321 -2.70 -16.87 12.44
CA ARG C 321 -2.75 -16.64 11.00
C ARG C 321 -1.56 -17.25 10.29
N MET C 322 -0.39 -17.31 10.94
CA MET C 322 0.70 -18.10 10.39
C MET C 322 0.25 -19.54 10.19
N ALA C 323 -0.42 -20.10 11.21
CA ALA C 323 -0.84 -21.49 11.14
C ALA C 323 -1.81 -21.70 9.98
N LEU C 324 -2.79 -20.82 9.83
CA LEU C 324 -3.75 -20.96 8.76
C LEU C 324 -3.13 -20.85 7.39
N LEU C 325 -2.22 -19.88 7.18
CA LEU C 325 -1.58 -19.75 5.87
C LEU C 325 -0.79 -21.00 5.52
N LYS C 326 -0.01 -21.51 6.47
CA LYS C 326 0.73 -22.75 6.27
C LYS C 326 -0.20 -23.90 5.93
N LEU C 327 -1.26 -24.07 6.71
CA LEU C 327 -2.12 -25.22 6.49
C LEU C 327 -2.85 -25.14 5.16
N LEU C 328 -3.36 -23.96 4.79
CA LEU C 328 -4.07 -23.82 3.52
C LEU C 328 -3.16 -24.02 2.32
N LEU C 329 -1.87 -23.66 2.42
CA LEU C 329 -1.02 -23.67 1.25
C LEU C 329 -0.15 -24.92 1.14
N VAL C 330 0.32 -25.47 2.26
CA VAL C 330 1.20 -26.64 2.23
C VAL C 330 0.71 -27.79 3.10
N GLY C 331 -0.38 -27.63 3.81
CA GLY C 331 -1.00 -28.71 4.55
C GLY C 331 -0.36 -28.98 5.90
N TRP C 332 -0.84 -30.05 6.53
CA TRP C 332 -0.38 -30.44 7.86
C TRP C 332 1.06 -30.92 7.87
P PAL D . 8.23 13.91 1.75
O1P PAL D . 8.21 13.59 0.30
O2P PAL D . 6.99 14.61 2.20
O3P PAL D . 8.47 12.67 2.59
C1P PAL D . 9.72 14.91 2.02
C1 PAL D . 9.62 15.62 3.34
O1 PAL D . 9.84 15.08 4.39
N2 PAL D . 9.21 16.99 3.26
C2 PAL D . 9.15 17.82 4.42
C4 PAL D . 8.05 17.51 5.40
O2 PAL D . 7.99 18.22 6.45
O3 PAL D . 7.29 16.53 5.19
C3 PAL D . 9.09 19.31 3.96
C5 PAL D . 7.79 19.71 3.24
O4 PAL D . 7.78 20.82 2.62
O5 PAL D . 6.77 18.94 3.26
H1P1 PAL D . 9.80 15.57 1.31
H1P2 PAL D . 10.50 14.34 2.02
HN2 PAL D . 9.01 17.32 2.49
H2 PAL D . 9.95 17.66 4.93
H31 PAL D . 9.83 19.47 3.35
H32 PAL D . 9.18 19.88 4.73
C1 GOL E . 1.01 30.63 9.57
O1 GOL E . 1.75 29.65 10.23
C2 GOL E . -0.54 30.30 9.60
O2 GOL E . -0.94 29.36 10.48
C3 GOL E . -1.19 31.71 9.74
O3 GOL E . -2.52 31.60 10.27
H11 GOL E . 1.27 30.71 8.64
H12 GOL E . 1.12 31.50 9.97
H2 GOL E . -0.81 29.85 8.78
HO2 GOL E . -0.24 29.01 10.82
H31 GOL E . -1.18 32.13 8.86
H32 GOL E . -0.61 32.26 10.29
HO3 GOL E . -2.85 32.36 10.34
P PAL F . -6.87 -2.12 -14.51
O1P PAL F . -5.40 -1.99 -14.25
O2P PAL F . -7.53 -3.09 -13.50
O3P PAL F . -7.53 -0.79 -14.42
C1P PAL F . -7.06 -2.83 -16.17
C1 PAL F . -6.83 -1.77 -17.20
O1 PAL F . -5.73 -1.39 -17.50
N2 PAL F . -8.04 -1.25 -17.76
C2 PAL F . -7.99 -0.27 -18.84
C4 PAL F . -7.51 1.09 -18.42
O2 PAL F . -7.48 1.94 -19.37
O3 PAL F . -7.11 1.32 -17.25
C3 PAL F . -9.40 -0.29 -19.46
C5 PAL F . -10.47 0.38 -18.57
O4 PAL F . -10.16 0.98 -17.50
O5 PAL F . -11.67 0.29 -18.93
H1P1 PAL F . -7.94 -3.20 -16.26
H1P2 PAL F . -6.41 -3.54 -16.28
HN2 PAL F . -8.79 -1.53 -17.46
H2 PAL F . -7.31 -0.50 -19.49
H31 PAL F . -9.66 -1.21 -19.62
H32 PAL F . -9.38 0.20 -20.31
P PAL G . -8.95 -4.57 12.61
O1P PAL G . -7.85 -3.69 13.16
O2P PAL G . -10.17 -3.83 12.13
O3P PAL G . -8.46 -5.55 11.57
C1P PAL G . -9.46 -5.59 14.05
C1 PAL G . -10.78 -6.29 13.76
O1 PAL G . -10.90 -7.25 13.06
N2 PAL G . -11.90 -5.69 14.41
C2 PAL G . -13.20 -6.26 14.28
C4 PAL G . -13.90 -6.10 12.96
O2 PAL G . -13.28 -5.57 12.00
O3 PAL G . -15.06 -6.56 12.85
C3 PAL G . -14.03 -5.63 15.44
C5 PAL G . -14.31 -4.12 15.23
O4 PAL G . -14.01 -3.55 14.15
O5 PAL G . -14.82 -3.47 16.18
H1P1 PAL G . -9.57 -5.02 14.83
H1P2 PAL G . -8.78 -6.26 14.23
HN2 PAL G . -11.78 -4.99 14.89
H2 PAL G . -13.12 -7.22 14.33
H31 PAL G . -13.54 -5.74 16.26
H32 PAL G . -14.88 -6.10 15.49
#